data_3KE0
#
_entry.id   3KE0
#
_cell.length_a   109.465
_cell.length_b   285.064
_cell.length_c   92.225
_cell.angle_alpha   90.00
_cell.angle_beta   90.00
_cell.angle_gamma   90.00
#
_symmetry.space_group_name_H-M   'C 2 2 21'
#
loop_
_entity.id
_entity.type
_entity.pdbx_description
1 polymer Glucosylceramidase
2 branched 2-acetamido-2-deoxy-beta-D-glucopyranose-(1-4)-2-acetamido-2-deoxy-alpha-D-glucopyranose
3 branched 2-acetamido-2-deoxy-beta-D-glucopyranose-(1-4)-2-acetamido-2-deoxy-beta-D-glucopyranose
4 non-polymer 'SULFATE ION'
5 non-polymer GLYCEROL
6 non-polymer 2-acetamido-2-deoxy-beta-D-glucopyranose
7 water water
#
_entity_poly.entity_id   1
_entity_poly.type   'polypeptide(L)'
_entity_poly.pdbx_seq_one_letter_code
;ARPCIPKSFGYSSVVCVCNATYCDSFDPPTFPALGTFSRYESTRSGRRMELSMGPIQANHTGTGLLLTLQPEQKFQKVKG
FGGAMTDAAALNILALSPPAQNLLLKSYFSEEGIGYNIIRVPMASCDFSIRTYTYADTPDDFQLHNFSLPEEDTKLKIPL
IHRALQLAQRPVSLLASPWTSPTWLKTNGAVNGKGSLKGQPGDIYHQTWARYFVKFLDAYAEHKLQFWAVTAENEPSAGL
LSGYPFQCLGFTPEHQRDFIARDLGPTLANSTHHNVRLLMLDDQRLLLPHWAKVVLTDPEAAKYVHGIAVHWYLDFLAPA
KATLGETHRLFPNTMLFASEACVGSKFWEQSVRLGSWDRGMQYSHSIITSLLYHVVGWTDWNLALNPEGGPNWVRNFVDS
PIIVDITKDTFYKQPMFYHLGHFSKFIPEGSQRVGLVASQKNDLDAVALMHPDGSAVVVVLNRSSKDVPLTIKDPAVGFL
ETISPGYSIHTYLWRRQ
;
_entity_poly.pdbx_strand_id   A,B
#
# COMPACT_ATOMS: atom_id res chain seq x y z
N ALA A 1 -7.06 -4.32 -5.05
CA ALA A 1 -7.79 -3.85 -3.86
C ALA A 1 -8.92 -4.77 -3.37
N ARG A 2 -9.77 -5.33 -4.24
CA ARG A 2 -10.88 -6.21 -3.76
C ARG A 2 -10.78 -7.61 -4.37
N PRO A 3 -10.96 -8.65 -3.55
CA PRO A 3 -10.75 -10.03 -4.03
C PRO A 3 -11.97 -10.68 -4.70
N CYS A 4 -11.72 -11.75 -5.41
CA CYS A 4 -12.75 -12.48 -6.12
C CYS A 4 -13.76 -13.08 -5.13
N ILE A 5 -15.05 -12.84 -5.35
CA ILE A 5 -16.08 -13.59 -4.67
C ILE A 5 -16.33 -14.82 -5.56
N PRO A 6 -15.84 -16.02 -5.16
CA PRO A 6 -16.06 -17.33 -5.83
C PRO A 6 -17.51 -17.87 -5.86
N LYS A 7 -17.98 -18.30 -7.03
CA LYS A 7 -19.17 -19.12 -7.12
C LYS A 7 -18.92 -20.22 -8.11
N SER A 8 -19.22 -21.45 -7.68
CA SER A 8 -19.17 -22.59 -8.55
C SER A 8 -20.52 -22.91 -9.16
N PHE A 9 -20.52 -23.39 -10.39
CA PHE A 9 -21.73 -23.80 -11.09
C PHE A 9 -21.60 -25.24 -11.60
N GLY A 10 -20.76 -26.02 -10.93
CA GLY A 10 -20.61 -27.41 -11.29
C GLY A 10 -19.62 -27.69 -12.41
N TYR A 11 -18.80 -26.72 -12.78
CA TYR A 11 -17.68 -27.03 -13.69
C TYR A 11 -16.38 -27.11 -12.93
N SER A 12 -15.24 -27.32 -13.58
CA SER A 12 -13.97 -27.53 -12.88
C SER A 12 -13.44 -26.30 -12.10
N SER A 13 -13.98 -25.11 -12.29
CA SER A 13 -13.52 -24.02 -11.47
C SER A 13 -14.64 -23.01 -11.19
N VAL A 14 -14.28 -21.88 -10.57
CA VAL A 14 -15.25 -20.89 -10.12
C VAL A 14 -15.34 -19.72 -11.08
N VAL A 15 -16.38 -18.90 -10.90
CA VAL A 15 -16.47 -17.57 -11.55
C VAL A 15 -16.36 -16.50 -10.44
N CYS A 16 -16.04 -15.25 -10.80
CA CYS A 16 -16.10 -14.16 -9.83
C CYS A 16 -17.41 -13.34 -9.94
N VAL A 17 -18.12 -13.25 -8.83
CA VAL A 17 -19.41 -12.61 -8.85
C VAL A 17 -19.24 -11.10 -8.66
N CYS A 18 -19.83 -10.30 -9.56
CA CYS A 18 -19.76 -8.87 -9.48
C CYS A 18 -21.17 -8.43 -9.61
N ASN A 19 -21.51 -7.40 -8.85
CA ASN A 19 -22.89 -6.93 -8.88
C ASN A 19 -22.81 -5.42 -8.88
N ALA A 20 -23.87 -4.75 -8.49
CA ALA A 20 -23.91 -3.27 -8.57
C ALA A 20 -22.92 -2.48 -7.67
N THR A 21 -22.40 -3.12 -6.62
CA THR A 21 -21.58 -2.43 -5.61
C THR A 21 -20.23 -3.10 -5.29
N TYR A 22 -19.98 -4.25 -5.93
CA TYR A 22 -18.80 -5.08 -5.73
C TYR A 22 -18.27 -5.67 -7.02
N CYS A 23 -16.98 -5.53 -7.23
CA CYS A 23 -16.29 -6.31 -8.26
C CYS A 23 -14.86 -6.41 -7.82
N ASP A 24 -14.26 -7.60 -7.89
CA ASP A 24 -12.80 -7.75 -7.67
C ASP A 24 -12.00 -6.82 -8.61
N SER A 25 -10.88 -6.26 -8.14
CA SER A 25 -10.10 -5.31 -8.92
C SER A 25 -8.73 -5.15 -8.40
N PHE A 26 -7.91 -4.42 -9.13
CA PHE A 26 -6.49 -4.32 -8.87
C PHE A 26 -6.15 -2.97 -8.32
N ASP A 27 -5.01 -2.89 -7.60
CA ASP A 27 -4.42 -1.59 -7.20
C ASP A 27 -3.61 -0.91 -8.35
N PRO A 28 -3.23 0.37 -8.18
CA PRO A 28 -2.38 0.79 -9.29
C PRO A 28 -1.08 0.04 -9.26
N PRO A 29 -0.48 -0.17 -10.44
CA PRO A 29 0.72 -0.93 -10.66
C PRO A 29 1.86 -0.34 -9.87
N THR A 30 2.70 -1.19 -9.34
CA THR A 30 3.74 -0.71 -8.49
C THR A 30 4.94 -1.53 -8.79
N PHE A 31 5.98 -0.87 -9.28
CA PHE A 31 7.14 -1.55 -9.87
C PHE A 31 8.27 -1.70 -8.82
N PRO A 32 8.53 -2.92 -8.36
CA PRO A 32 9.60 -3.23 -7.40
C PRO A 32 11.06 -3.08 -7.86
N ALA A 33 11.94 -2.99 -6.89
CA ALA A 33 13.34 -2.69 -7.14
C ALA A 33 14.00 -3.76 -7.99
N LEU A 34 15.09 -3.38 -8.67
CA LEU A 34 15.88 -4.32 -9.45
C LEU A 34 16.28 -5.43 -8.52
N GLY A 35 16.16 -6.66 -8.98
CA GLY A 35 16.42 -7.83 -8.12
C GLY A 35 15.16 -8.41 -7.46
N THR A 36 14.01 -7.78 -7.68
CA THR A 36 12.73 -8.29 -7.20
C THR A 36 11.79 -8.50 -8.37
N PHE A 37 11.06 -9.61 -8.36
CA PHE A 37 10.08 -9.87 -9.40
C PHE A 37 8.66 -9.79 -8.81
N SER A 38 7.66 -9.46 -9.64
CA SER A 38 6.25 -9.62 -9.32
C SER A 38 5.74 -10.83 -10.05
N ARG A 39 4.82 -11.56 -9.38
CA ARG A 39 4.12 -12.72 -9.95
C ARG A 39 2.62 -12.57 -9.78
N TYR A 40 1.87 -12.64 -10.88
CA TYR A 40 0.42 -12.84 -10.81
C TYR A 40 0.06 -14.32 -11.10
N GLU A 41 -0.66 -14.93 -10.15
CA GLU A 41 -1.12 -16.30 -10.33
C GLU A 41 -2.63 -16.41 -10.41
N SER A 42 -3.11 -17.26 -11.33
CA SER A 42 -4.45 -17.79 -11.29
C SER A 42 -4.37 -19.32 -11.38
N THR A 43 -5.21 -19.99 -10.58
CA THR A 43 -5.21 -21.43 -10.57
C THR A 43 -6.60 -21.98 -10.75
N ARG A 44 -6.67 -23.19 -11.25
CA ARG A 44 -7.94 -23.89 -11.26
C ARG A 44 -8.57 -24.05 -9.86
N SER A 45 -7.74 -24.08 -8.83
CA SER A 45 -8.30 -24.25 -7.51
C SER A 45 -9.02 -23.02 -7.04
N GLY A 46 -8.77 -21.86 -7.65
CA GLY A 46 -9.53 -20.68 -7.24
C GLY A 46 -8.76 -19.38 -7.12
N ARG A 47 -7.43 -19.40 -7.23
CA ARG A 47 -6.67 -18.14 -7.19
C ARG A 47 -6.90 -17.33 -8.47
N ARG A 48 -7.02 -16.00 -8.31
CA ARG A 48 -7.35 -15.15 -9.44
C ARG A 48 -6.41 -13.98 -9.54
N MET A 49 -5.41 -14.08 -10.44
CA MET A 49 -4.42 -13.05 -10.61
C MET A 49 -4.08 -12.44 -9.23
N GLU A 50 -3.64 -13.31 -8.31
CA GLU A 50 -3.09 -12.91 -7.05
C GLU A 50 -1.63 -12.53 -7.20
N LEU A 51 -1.27 -11.41 -6.60
CA LEU A 51 0.07 -10.84 -6.63
C LEU A 51 1.00 -11.34 -5.48
N SER A 52 2.20 -11.79 -5.80
CA SER A 52 3.21 -12.08 -4.79
C SER A 52 4.53 -11.57 -5.35
N MET A 53 5.60 -11.59 -4.56
CA MET A 53 6.87 -11.06 -5.03
C MET A 53 7.96 -11.94 -4.45
N GLY A 54 9.14 -11.84 -5.05
CA GLY A 54 10.31 -12.55 -4.54
C GLY A 54 11.61 -12.05 -5.17
N PRO A 55 12.69 -12.78 -4.89
CA PRO A 55 14.03 -12.36 -5.27
C PRO A 55 14.55 -12.91 -6.61
N ILE A 56 15.30 -12.11 -7.36
CA ILE A 56 16.12 -12.67 -8.42
C ILE A 56 17.53 -12.76 -7.88
N GLN A 57 17.95 -13.98 -7.61
CA GLN A 57 19.15 -14.17 -6.85
C GLN A 57 20.27 -14.37 -7.81
N ALA A 58 21.46 -14.53 -7.31
CA ALA A 58 22.62 -14.65 -8.19
C ALA A 58 23.14 -16.08 -8.29
N ASN A 59 22.65 -16.99 -7.44
CA ASN A 59 23.04 -18.40 -7.50
C ASN A 59 21.84 -19.18 -8.02
N HIS A 60 22.09 -20.30 -8.68
CA HIS A 60 21.02 -21.12 -9.26
C HIS A 60 20.78 -22.40 -8.40
N THR A 61 19.74 -22.45 -7.58
CA THR A 61 19.52 -23.64 -6.75
C THR A 61 18.67 -24.77 -7.40
N GLY A 62 17.93 -24.43 -8.46
CA GLY A 62 17.10 -25.44 -9.11
C GLY A 62 17.87 -26.33 -10.08
N THR A 63 17.28 -27.49 -10.37
CA THR A 63 17.94 -28.45 -11.23
C THR A 63 17.04 -29.00 -12.32
N GLY A 64 16.02 -28.22 -12.67
CA GLY A 64 15.05 -28.62 -13.65
C GLY A 64 15.04 -27.80 -14.93
N LEU A 65 13.84 -27.52 -15.41
CA LEU A 65 13.71 -26.68 -16.58
C LEU A 65 14.25 -25.26 -16.31
N LEU A 66 15.10 -24.82 -17.24
CA LEU A 66 15.59 -23.48 -17.20
C LEU A 66 15.04 -22.76 -18.45
N LEU A 67 14.51 -21.56 -18.24
CA LEU A 67 14.03 -20.67 -19.30
C LEU A 67 14.89 -19.41 -19.23
N THR A 68 15.67 -19.17 -20.27
CA THR A 68 16.65 -18.09 -20.26
C THR A 68 16.17 -17.02 -21.21
N LEU A 69 16.08 -15.80 -20.71
CA LEU A 69 15.66 -14.70 -21.52
C LEU A 69 16.78 -14.30 -22.47
N GLN A 70 16.41 -13.99 -23.70
CA GLN A 70 17.45 -13.60 -24.67
C GLN A 70 17.01 -12.26 -25.19
N PRO A 71 17.19 -11.21 -24.38
CA PRO A 71 16.60 -9.92 -24.68
C PRO A 71 17.09 -9.30 -25.98
N GLU A 72 18.19 -9.81 -26.55
CA GLU A 72 18.69 -9.22 -27.78
C GLU A 72 18.23 -9.99 -29.01
N GLN A 73 17.29 -10.92 -28.82
CA GLN A 73 16.70 -11.65 -29.91
C GLN A 73 15.30 -11.05 -30.02
N LYS A 74 15.11 -10.12 -30.97
CA LYS A 74 13.85 -9.36 -31.09
C LYS A 74 12.88 -9.87 -32.17
N PHE A 75 11.58 -9.97 -31.85
CA PHE A 75 10.54 -10.34 -32.80
C PHE A 75 9.51 -9.24 -32.89
N GLN A 76 8.25 -9.57 -33.18
CA GLN A 76 7.23 -8.57 -33.40
C GLN A 76 6.90 -7.64 -32.23
N LYS A 77 6.43 -6.44 -32.55
CA LYS A 77 5.91 -5.47 -31.55
C LYS A 77 4.39 -5.60 -31.49
N VAL A 78 3.81 -5.36 -30.31
CA VAL A 78 2.41 -5.70 -30.00
C VAL A 78 1.48 -4.53 -30.22
N LYS A 79 0.40 -4.78 -30.94
CA LYS A 79 -0.61 -3.74 -31.20
C LYS A 79 -1.52 -3.63 -29.99
N GLY A 80 -1.93 -4.78 -29.47
CA GLY A 80 -2.71 -4.81 -28.24
C GLY A 80 -3.72 -5.96 -28.15
N PHE A 81 -4.64 -5.87 -27.17
CA PHE A 81 -5.65 -6.89 -26.82
C PHE A 81 -7.00 -6.27 -26.58
N GLY A 82 -8.06 -7.04 -26.75
CA GLY A 82 -9.39 -6.50 -26.53
C GLY A 82 -10.45 -7.48 -26.98
N GLY A 83 -11.63 -6.97 -27.34
CA GLY A 83 -12.80 -7.80 -27.70
C GLY A 83 -13.81 -7.00 -28.50
N ALA A 84 -14.96 -7.61 -28.81
CA ALA A 84 -15.98 -7.03 -29.69
C ALA A 84 -17.20 -6.40 -29.02
N MET A 85 -17.55 -5.21 -29.45
CA MET A 85 -18.76 -4.57 -28.95
C MET A 85 -19.87 -4.83 -29.94
N THR A 86 -20.37 -6.07 -29.94
CA THR A 86 -21.58 -6.47 -30.72
C THR A 86 -22.88 -5.89 -30.13
N ASP A 87 -23.94 -5.91 -30.93
CA ASP A 87 -25.28 -5.60 -30.38
C ASP A 87 -25.52 -6.44 -29.15
N ALA A 88 -25.20 -7.72 -29.23
CA ALA A 88 -25.39 -8.64 -28.14
C ALA A 88 -24.65 -8.11 -26.90
N ALA A 89 -23.37 -7.83 -27.05
CA ALA A 89 -22.60 -7.44 -25.92
C ALA A 89 -23.21 -6.17 -25.28
N ALA A 90 -23.55 -5.16 -26.07
CA ALA A 90 -24.08 -3.92 -25.53
C ALA A 90 -25.44 -4.16 -24.86
N LEU A 91 -26.30 -4.99 -25.45
CA LEU A 91 -27.58 -5.28 -24.83
C LEU A 91 -27.35 -5.82 -23.43
N ASN A 92 -26.45 -6.78 -23.28
CA ASN A 92 -26.17 -7.30 -21.96
C ASN A 92 -25.59 -6.25 -21.00
N ILE A 93 -24.59 -5.49 -21.45
CA ILE A 93 -24.02 -4.54 -20.55
C ILE A 93 -25.12 -3.58 -20.08
N LEU A 94 -25.84 -3.00 -21.03
CA LEU A 94 -26.92 -2.07 -20.69
C LEU A 94 -28.09 -2.70 -19.89
N ALA A 95 -28.15 -4.02 -19.85
CA ALA A 95 -29.14 -4.68 -18.98
C ALA A 95 -28.93 -4.41 -17.50
N LEU A 96 -27.69 -4.12 -17.08
CA LEU A 96 -27.35 -3.87 -15.68
C LEU A 96 -27.67 -2.43 -15.28
N SER A 97 -27.72 -2.16 -13.99
CA SER A 97 -27.84 -0.79 -13.52
C SER A 97 -26.50 -0.04 -13.78
N PRO A 98 -26.54 1.31 -13.88
CA PRO A 98 -25.30 1.99 -14.23
C PRO A 98 -24.10 1.72 -13.31
N PRO A 99 -24.29 1.66 -11.98
CA PRO A 99 -23.08 1.34 -11.22
C PRO A 99 -22.47 -0.03 -11.62
N ALA A 100 -23.29 -1.00 -11.99
CA ALA A 100 -22.79 -2.33 -12.34
C ALA A 100 -22.14 -2.24 -13.69
N GLN A 101 -22.72 -1.41 -14.59
CA GLN A 101 -22.15 -1.16 -15.91
C GLN A 101 -20.73 -0.62 -15.77
N ASN A 102 -20.53 0.29 -14.82
CA ASN A 102 -19.20 0.85 -14.65
C ASN A 102 -18.20 -0.16 -14.16
N LEU A 103 -18.62 -1.00 -13.22
CA LEU A 103 -17.77 -2.09 -12.79
C LEU A 103 -17.44 -3.00 -13.97
N LEU A 104 -18.41 -3.29 -14.84
CA LEU A 104 -18.08 -4.12 -15.99
C LEU A 104 -17.00 -3.44 -16.88
N LEU A 105 -17.21 -2.19 -17.25
CA LEU A 105 -16.26 -1.56 -18.12
C LEU A 105 -14.88 -1.40 -17.48
N LYS A 106 -14.84 -1.14 -16.17
CA LYS A 106 -13.57 -0.98 -15.49
C LYS A 106 -12.88 -2.30 -15.50
N SER A 107 -13.63 -3.38 -15.32
CA SER A 107 -13.00 -4.69 -15.37
C SER A 107 -12.18 -4.84 -16.66
N TYR A 108 -12.80 -4.53 -17.81
CA TYR A 108 -12.12 -4.68 -19.07
C TYR A 108 -11.03 -3.65 -19.39
N PHE A 109 -11.31 -2.39 -19.11
CA PHE A 109 -10.57 -1.32 -19.74
C PHE A 109 -9.63 -0.56 -18.84
N SER A 110 -9.90 -0.67 -17.55
CA SER A 110 -9.30 0.20 -16.60
C SER A 110 -8.01 -0.39 -16.06
N GLU A 111 -7.20 0.49 -15.49
CA GLU A 111 -6.05 0.10 -14.74
C GLU A 111 -6.44 -0.80 -13.57
N GLU A 112 -7.61 -0.59 -13.00
CA GLU A 112 -8.07 -1.46 -11.92
C GLU A 112 -8.66 -2.74 -12.51
N GLY A 113 -8.65 -2.81 -13.83
CA GLY A 113 -9.03 -4.02 -14.53
C GLY A 113 -7.89 -4.63 -15.31
N ILE A 114 -8.21 -5.18 -16.46
CA ILE A 114 -7.21 -5.88 -17.27
C ILE A 114 -6.73 -5.10 -18.50
N GLY A 115 -7.17 -3.85 -18.62
CA GLY A 115 -6.53 -2.91 -19.55
C GLY A 115 -6.58 -3.17 -21.05
N TYR A 116 -7.70 -3.69 -21.52
CA TYR A 116 -8.01 -3.75 -22.93
C TYR A 116 -7.63 -2.47 -23.66
N ASN A 117 -7.12 -2.59 -24.89
CA ASN A 117 -6.87 -1.41 -25.70
C ASN A 117 -7.36 -1.58 -27.17
N ILE A 118 -8.20 -2.58 -27.38
CA ILE A 118 -8.80 -2.87 -28.70
C ILE A 118 -10.30 -3.17 -28.57
N ILE A 119 -11.11 -2.57 -29.46
CA ILE A 119 -12.55 -2.89 -29.55
C ILE A 119 -12.93 -3.10 -31.00
N ARG A 120 -13.47 -4.26 -31.30
CA ARG A 120 -13.99 -4.51 -32.64
C ARG A 120 -15.45 -4.08 -32.70
N VAL A 121 -15.82 -3.41 -33.78
CA VAL A 121 -17.15 -2.89 -33.92
C VAL A 121 -17.70 -3.43 -35.22
N PRO A 122 -18.74 -4.27 -35.15
CA PRO A 122 -19.36 -4.72 -36.40
C PRO A 122 -20.03 -3.56 -37.08
N MET A 123 -19.87 -3.52 -38.40
CA MET A 123 -20.59 -2.60 -39.27
C MET A 123 -21.97 -3.29 -39.45
N ALA A 124 -23.00 -2.63 -38.89
CA ALA A 124 -24.34 -3.19 -38.84
C ALA A 124 -24.54 -4.54 -38.11
N SER A 125 -25.33 -5.43 -38.66
CA SER A 125 -25.82 -6.51 -37.86
C SER A 125 -25.00 -7.74 -38.21
N CYS A 126 -24.76 -8.58 -37.22
CA CYS A 126 -24.22 -9.93 -37.45
C CYS A 126 -25.19 -10.89 -36.77
N ASP A 127 -24.72 -12.09 -36.45
CA ASP A 127 -25.59 -13.03 -35.78
C ASP A 127 -25.83 -12.64 -34.35
N PHE A 128 -24.88 -11.94 -33.71
CA PHE A 128 -25.12 -11.38 -32.35
C PHE A 128 -25.82 -10.01 -32.32
N SER A 129 -27.02 -10.02 -32.87
CA SER A 129 -27.88 -8.85 -33.02
C SER A 129 -29.28 -9.37 -32.82
N ILE A 130 -30.26 -8.52 -32.53
CA ILE A 130 -31.58 -9.09 -32.33
C ILE A 130 -32.49 -8.95 -33.50
N ARG A 131 -31.93 -8.54 -34.63
CA ARG A 131 -32.68 -8.41 -35.85
C ARG A 131 -31.68 -8.20 -36.93
N THR A 132 -32.10 -8.35 -38.18
CA THR A 132 -31.19 -8.18 -39.31
C THR A 132 -31.38 -6.75 -39.80
N TYR A 133 -30.32 -6.12 -40.31
CA TYR A 133 -30.43 -4.76 -40.85
C TYR A 133 -29.06 -4.35 -41.41
N THR A 134 -29.03 -3.38 -42.30
CA THR A 134 -27.76 -2.82 -42.72
C THR A 134 -27.90 -1.34 -42.57
N TYR A 135 -26.90 -0.57 -42.95
CA TYR A 135 -27.03 0.88 -42.80
C TYR A 135 -27.74 1.46 -44.00
N ALA A 136 -28.09 0.62 -44.96
CA ALA A 136 -28.68 1.11 -46.21
C ALA A 136 -29.73 0.14 -46.85
N ASP A 137 -30.88 -0.05 -46.19
CA ASP A 137 -31.89 -1.00 -46.63
C ASP A 137 -32.90 -0.50 -47.66
N THR A 138 -33.08 0.81 -47.78
CA THR A 138 -33.83 1.34 -48.90
C THR A 138 -33.14 0.88 -50.17
N PRO A 139 -33.88 0.10 -51.00
CA PRO A 139 -33.35 -0.53 -52.22
C PRO A 139 -32.91 0.48 -53.25
N ASP A 140 -31.86 0.10 -53.99
CA ASP A 140 -31.35 0.82 -55.16
C ASP A 140 -30.86 2.25 -54.90
N ASP A 141 -30.40 2.49 -53.68
CA ASP A 141 -29.84 3.75 -53.24
C ASP A 141 -28.32 3.75 -53.49
N PHE A 142 -27.90 3.73 -54.75
CA PHE A 142 -26.47 3.57 -55.10
C PHE A 142 -25.56 4.73 -54.67
N GLN A 143 -26.16 5.91 -54.54
CA GLN A 143 -25.47 7.11 -54.04
C GLN A 143 -25.54 7.17 -52.50
N LEU A 144 -26.19 6.17 -51.92
CA LEU A 144 -26.26 6.04 -50.48
C LEU A 144 -26.77 7.30 -49.80
N HIS A 145 -27.87 7.86 -50.30
CA HIS A 145 -28.48 9.02 -49.63
C HIS A 145 -29.18 8.68 -48.34
N ASN A 146 -29.85 7.52 -48.27
CA ASN A 146 -30.54 7.14 -47.07
C ASN A 146 -29.66 6.28 -46.12
N PHE A 147 -28.33 6.32 -46.29
CA PHE A 147 -27.42 5.64 -45.35
C PHE A 147 -27.60 6.22 -43.95
N SER A 148 -27.76 5.38 -42.93
CA SER A 148 -27.73 5.93 -41.58
C SER A 148 -27.58 4.91 -40.45
N LEU A 149 -27.23 5.41 -39.27
CA LEU A 149 -27.05 4.56 -38.11
C LEU A 149 -28.35 4.37 -37.37
N PRO A 150 -28.71 3.12 -37.11
CA PRO A 150 -29.90 2.75 -36.30
C PRO A 150 -29.61 2.91 -34.82
N GLU A 151 -30.64 2.70 -33.98
CA GLU A 151 -30.55 2.96 -32.56
C GLU A 151 -29.43 2.15 -31.93
N GLU A 152 -29.28 0.94 -32.41
CA GLU A 152 -28.20 0.06 -31.99
C GLU A 152 -26.81 0.71 -31.93
N ASP A 153 -26.47 1.45 -33.00
CA ASP A 153 -25.24 2.21 -33.02
C ASP A 153 -25.36 3.46 -32.09
N THR A 154 -26.42 4.26 -32.25
CA THR A 154 -26.47 5.58 -31.58
C THR A 154 -26.79 5.51 -30.12
N LYS A 155 -27.51 4.49 -29.71
CA LYS A 155 -27.96 4.41 -28.33
C LYS A 155 -27.28 3.26 -27.55
N LEU A 156 -26.71 2.26 -28.21
CA LEU A 156 -26.03 1.21 -27.43
C LEU A 156 -24.52 1.19 -27.62
N LYS A 157 -24.04 0.85 -28.81
CA LYS A 157 -22.62 0.65 -29.09
C LYS A 157 -21.78 1.88 -28.85
N ILE A 158 -22.17 2.97 -29.50
CA ILE A 158 -21.40 4.18 -29.44
C ILE A 158 -21.26 4.74 -28.01
N PRO A 159 -22.38 4.98 -27.28
CA PRO A 159 -22.17 5.54 -25.90
C PRO A 159 -21.31 4.66 -25.03
N LEU A 160 -21.40 3.34 -25.18
CA LEU A 160 -20.55 2.44 -24.38
C LEU A 160 -19.08 2.56 -24.74
N ILE A 161 -18.80 2.72 -26.03
CA ILE A 161 -17.45 2.94 -26.49
C ILE A 161 -16.89 4.26 -25.96
N HIS A 162 -17.67 5.33 -26.02
CA HIS A 162 -17.25 6.56 -25.34
C HIS A 162 -16.90 6.25 -23.92
N ARG A 163 -17.74 5.49 -23.23
CA ARG A 163 -17.52 5.26 -21.79
C ARG A 163 -16.29 4.42 -21.55
N ALA A 164 -16.05 3.46 -22.41
CA ALA A 164 -14.83 2.66 -22.29
C ALA A 164 -13.60 3.49 -22.48
N LEU A 165 -13.65 4.42 -23.41
CA LEU A 165 -12.48 5.21 -23.74
C LEU A 165 -12.16 6.10 -22.61
N GLN A 166 -13.20 6.58 -21.94
CA GLN A 166 -13.01 7.48 -20.78
C GLN A 166 -12.37 6.75 -19.64
N LEU A 167 -12.72 5.48 -19.48
CA LEU A 167 -12.18 4.71 -18.40
C LEU A 167 -10.77 4.16 -18.69
N ALA A 168 -10.43 4.05 -19.96
CA ALA A 168 -9.29 3.22 -20.32
C ALA A 168 -7.99 3.75 -19.76
N GLN A 169 -7.12 2.79 -19.43
CA GLN A 169 -5.76 2.99 -18.95
C GLN A 169 -4.88 3.57 -20.08
N ARG A 170 -5.14 3.09 -21.30
CA ARG A 170 -4.31 3.33 -22.48
C ARG A 170 -5.15 3.82 -23.64
N PRO A 171 -4.52 4.46 -24.63
CA PRO A 171 -5.24 4.80 -25.87
C PRO A 171 -5.79 3.52 -26.50
N VAL A 172 -7.09 3.52 -26.81
CA VAL A 172 -7.76 2.37 -27.39
C VAL A 172 -7.88 2.49 -28.89
N SER A 173 -7.66 1.39 -29.61
CA SER A 173 -7.87 1.36 -31.06
C SER A 173 -9.15 0.62 -31.43
N LEU A 174 -9.94 1.27 -32.28
CA LEU A 174 -11.15 0.68 -32.85
C LEU A 174 -10.94 0.06 -34.25
N LEU A 175 -11.52 -1.12 -34.39
CA LEU A 175 -11.44 -1.96 -35.59
C LEU A 175 -12.86 -2.26 -36.09
N ALA A 176 -13.15 -1.98 -37.34
CA ALA A 176 -14.50 -2.26 -37.82
C ALA A 176 -14.51 -3.41 -38.84
N SER A 177 -15.56 -4.22 -38.85
CA SER A 177 -15.69 -5.26 -39.88
C SER A 177 -17.13 -5.36 -40.33
N PRO A 178 -17.37 -5.52 -41.64
CA PRO A 178 -18.75 -5.72 -42.12
C PRO A 178 -19.11 -7.21 -42.24
N TRP A 179 -20.37 -7.56 -41.93
CA TRP A 179 -20.87 -8.96 -42.13
C TRP A 179 -21.57 -9.12 -43.47
N THR A 180 -22.59 -8.29 -43.74
CA THR A 180 -23.29 -8.32 -45.04
C THR A 180 -23.51 -6.92 -45.58
N SER A 181 -23.71 -6.79 -46.88
CA SER A 181 -24.10 -5.49 -47.45
C SER A 181 -25.61 -5.45 -47.49
N PRO A 182 -26.20 -4.27 -47.80
CA PRO A 182 -27.59 -4.25 -48.25
C PRO A 182 -27.84 -5.38 -49.28
N THR A 183 -28.97 -6.10 -49.13
CA THR A 183 -29.19 -7.25 -49.99
C THR A 183 -29.36 -6.90 -51.47
N TRP A 184 -29.76 -5.64 -51.76
CA TRP A 184 -29.80 -5.14 -53.16
C TRP A 184 -28.43 -4.99 -53.83
N LEU A 185 -27.32 -5.19 -53.11
CA LEU A 185 -25.98 -5.34 -53.74
C LEU A 185 -25.55 -6.78 -53.98
N LYS A 186 -26.35 -7.73 -53.51
CA LYS A 186 -25.89 -9.10 -53.43
C LYS A 186 -26.41 -10.04 -54.56
N THR A 187 -25.60 -11.04 -54.94
CA THR A 187 -26.03 -11.90 -56.04
C THR A 187 -27.32 -12.61 -55.70
N ASN A 188 -27.61 -12.77 -54.40
CA ASN A 188 -28.75 -13.57 -53.95
C ASN A 188 -29.89 -12.79 -53.28
N GLY A 189 -29.74 -11.47 -53.17
CA GLY A 189 -30.76 -10.64 -52.57
C GLY A 189 -31.17 -11.13 -51.21
N ALA A 190 -30.21 -11.55 -50.37
CA ALA A 190 -30.51 -12.22 -49.12
C ALA A 190 -29.40 -11.87 -48.17
N VAL A 191 -29.69 -11.77 -46.87
CA VAL A 191 -28.67 -11.28 -45.92
C VAL A 191 -27.66 -12.36 -45.63
N ASN A 192 -28.06 -13.59 -45.88
CA ASN A 192 -27.23 -14.77 -45.51
C ASN A 192 -27.18 -15.74 -46.67
N GLY A 193 -26.62 -16.92 -46.49
CA GLY A 193 -26.50 -17.84 -47.62
C GLY A 193 -25.45 -17.46 -48.66
N LYS A 194 -25.27 -18.33 -49.65
CA LYS A 194 -24.27 -18.22 -50.74
C LYS A 194 -24.58 -17.05 -51.65
N GLY A 195 -23.76 -16.01 -51.61
CA GLY A 195 -24.01 -14.87 -52.46
C GLY A 195 -22.96 -13.81 -52.22
N SER A 196 -22.47 -13.22 -53.29
CA SER A 196 -21.46 -12.18 -53.22
C SER A 196 -21.98 -10.88 -53.85
N LEU A 197 -21.11 -9.89 -53.98
CA LEU A 197 -21.50 -8.64 -54.62
C LEU A 197 -21.88 -8.93 -56.06
N LYS A 198 -22.87 -8.24 -56.59
CA LYS A 198 -23.19 -8.38 -57.99
C LYS A 198 -22.13 -7.80 -58.89
N GLY A 199 -22.06 -8.32 -60.11
CA GLY A 199 -21.12 -7.83 -61.13
C GLY A 199 -19.66 -8.12 -60.89
N GLN A 200 -18.82 -7.12 -61.12
CA GLN A 200 -17.37 -7.27 -60.85
C GLN A 200 -16.67 -5.98 -60.43
N PRO A 201 -15.44 -6.11 -59.89
CA PRO A 201 -14.71 -4.94 -59.41
C PRO A 201 -14.60 -3.85 -60.45
N GLY A 202 -14.74 -2.60 -60.00
CA GLY A 202 -14.93 -1.45 -60.90
C GLY A 202 -16.37 -0.99 -61.15
N ASP A 203 -17.36 -1.89 -61.12
CA ASP A 203 -18.71 -1.50 -61.48
C ASP A 203 -19.41 -0.77 -60.34
N ILE A 204 -20.68 -0.50 -60.52
CA ILE A 204 -21.37 0.40 -59.61
C ILE A 204 -21.67 -0.30 -58.27
N TYR A 205 -21.93 -1.61 -58.33
CA TYR A 205 -22.11 -2.40 -57.12
C TYR A 205 -20.80 -2.34 -56.27
N HIS A 206 -19.66 -2.48 -56.90
CA HIS A 206 -18.47 -2.52 -56.12
C HIS A 206 -18.10 -1.12 -55.62
N GLN A 207 -18.33 -0.09 -56.44
CA GLN A 207 -18.12 1.28 -56.00
C GLN A 207 -19.03 1.66 -54.80
N THR A 208 -20.27 1.17 -54.79
CA THR A 208 -21.24 1.56 -53.81
C THR A 208 -20.84 0.89 -52.52
N TRP A 209 -20.45 -0.40 -52.61
CA TRP A 209 -19.98 -1.12 -51.44
C TRP A 209 -18.80 -0.41 -50.83
N ALA A 210 -17.87 0.04 -51.68
CA ALA A 210 -16.67 0.73 -51.18
C ALA A 210 -17.05 2.02 -50.49
N ARG A 211 -18.01 2.75 -51.05
CA ARG A 211 -18.40 4.06 -50.52
C ARG A 211 -19.10 3.88 -49.18
N TYR A 212 -19.64 2.69 -48.95
CA TYR A 212 -20.35 2.39 -47.68
C TYR A 212 -19.37 2.33 -46.54
N PHE A 213 -18.15 1.84 -46.79
CA PHE A 213 -17.11 1.96 -45.81
C PHE A 213 -16.85 3.43 -45.41
N VAL A 214 -16.83 4.34 -46.39
CA VAL A 214 -16.57 5.72 -46.04
C VAL A 214 -17.77 6.35 -45.31
N LYS A 215 -18.98 5.98 -45.73
CA LYS A 215 -20.14 6.51 -45.03
C LYS A 215 -20.18 6.02 -43.60
N PHE A 216 -19.81 4.76 -43.37
CA PHE A 216 -19.71 4.25 -42.01
C PHE A 216 -18.70 5.08 -41.18
N LEU A 217 -17.49 5.17 -41.71
CA LEU A 217 -16.46 5.99 -41.08
C LEU A 217 -16.90 7.44 -40.84
N ASP A 218 -17.57 8.06 -41.82
CA ASP A 218 -18.06 9.42 -41.62
C ASP A 218 -19.02 9.43 -40.44
N ALA A 219 -20.03 8.58 -40.46
CA ALA A 219 -21.04 8.59 -39.40
C ALA A 219 -20.46 8.47 -38.01
N TYR A 220 -19.51 7.55 -37.82
CA TYR A 220 -18.86 7.40 -36.51
C TYR A 220 -17.97 8.60 -36.15
N ALA A 221 -17.45 9.33 -37.14
CA ALA A 221 -16.64 10.52 -36.85
C ALA A 221 -17.46 11.70 -36.34
N GLU A 222 -18.67 11.86 -36.87
CA GLU A 222 -19.65 12.80 -36.28
C GLU A 222 -19.88 12.49 -34.79
N HIS A 223 -19.74 11.21 -34.40
CA HIS A 223 -19.75 10.92 -32.97
C HIS A 223 -18.38 10.86 -32.34
N LYS A 224 -17.37 11.36 -33.04
CA LYS A 224 -16.06 11.65 -32.43
C LYS A 224 -15.41 10.35 -32.07
N LEU A 225 -15.51 9.41 -32.97
CA LEU A 225 -14.82 8.18 -32.82
C LEU A 225 -14.11 7.95 -34.14
N GLN A 226 -12.78 7.78 -34.08
CA GLN A 226 -11.94 7.43 -35.25
C GLN A 226 -11.54 5.93 -35.24
N PHE A 227 -11.26 5.36 -36.41
CA PHE A 227 -10.88 3.97 -36.45
C PHE A 227 -9.40 3.84 -36.72
N TRP A 228 -8.81 2.75 -36.22
CA TRP A 228 -7.44 2.40 -36.47
C TRP A 228 -7.39 1.53 -37.74
N ALA A 229 -8.34 0.60 -37.87
CA ALA A 229 -8.39 -0.27 -39.03
C ALA A 229 -9.79 -0.71 -39.35
N VAL A 230 -9.97 -1.25 -40.55
CA VAL A 230 -11.16 -1.93 -40.96
C VAL A 230 -10.76 -3.20 -41.67
N THR A 231 -11.55 -4.24 -41.57
CA THR A 231 -11.24 -5.43 -42.37
C THR A 231 -12.01 -5.35 -43.67
N ALA A 232 -11.45 -5.94 -44.70
CA ALA A 232 -12.11 -6.02 -46.01
C ALA A 232 -13.50 -6.68 -46.01
N GLU A 233 -13.79 -7.56 -45.04
CA GLU A 233 -15.06 -8.26 -44.92
C GLU A 233 -14.90 -9.18 -43.73
N ASN A 234 -15.98 -9.56 -43.05
CA ASN A 234 -15.82 -10.54 -41.98
C ASN A 234 -16.02 -11.92 -42.59
N GLU A 235 -15.13 -12.84 -42.29
CA GLU A 235 -15.23 -14.18 -42.86
C GLU A 235 -15.73 -14.25 -44.32
N PRO A 236 -14.98 -13.70 -45.29
CA PRO A 236 -15.34 -13.75 -46.70
C PRO A 236 -15.64 -15.16 -47.24
N SER A 237 -14.97 -16.18 -46.70
CA SER A 237 -15.14 -17.53 -47.22
C SER A 237 -16.49 -18.11 -46.81
N ALA A 238 -17.08 -17.62 -45.73
CA ALA A 238 -18.39 -18.07 -45.32
C ALA A 238 -19.46 -17.87 -46.39
N GLY A 239 -19.38 -16.76 -47.11
CA GLY A 239 -20.42 -16.42 -48.07
C GLY A 239 -20.34 -17.31 -49.30
N LEU A 240 -19.35 -18.18 -49.36
CA LEU A 240 -19.27 -19.08 -50.51
C LEU A 240 -19.94 -20.43 -50.26
N LEU A 241 -20.48 -20.64 -49.05
CA LEU A 241 -21.00 -21.92 -48.64
C LEU A 241 -22.52 -21.88 -48.70
N SER A 242 -23.13 -22.86 -49.37
CA SER A 242 -24.58 -22.85 -49.51
C SER A 242 -25.21 -23.06 -48.16
N GLY A 243 -26.31 -22.36 -47.92
CA GLY A 243 -27.05 -22.44 -46.67
C GLY A 243 -26.42 -21.73 -45.51
N TYR A 244 -25.37 -20.92 -45.72
CA TYR A 244 -24.75 -20.25 -44.56
C TYR A 244 -25.74 -19.36 -43.81
N PRO A 245 -25.96 -19.66 -42.51
CA PRO A 245 -27.18 -19.18 -41.89
C PRO A 245 -27.05 -17.78 -41.33
N PHE A 246 -25.82 -17.29 -41.14
CA PHE A 246 -25.58 -15.98 -40.53
C PHE A 246 -25.31 -14.93 -41.63
N GLN A 247 -25.48 -13.65 -41.33
CA GLN A 247 -25.08 -12.62 -42.26
C GLN A 247 -23.68 -12.81 -42.85
N CYS A 248 -23.56 -12.63 -44.16
CA CYS A 248 -22.29 -12.85 -44.87
C CYS A 248 -22.23 -12.12 -46.21
N LEU A 249 -21.03 -12.18 -46.81
CA LEU A 249 -20.79 -11.62 -48.11
C LEU A 249 -19.66 -12.41 -48.73
N GLY A 250 -19.95 -13.29 -49.68
CA GLY A 250 -18.90 -14.16 -50.22
C GLY A 250 -17.92 -13.44 -51.12
N PHE A 251 -16.63 -13.75 -50.96
CA PHE A 251 -15.52 -13.33 -51.84
C PHE A 251 -14.55 -14.49 -51.88
N THR A 252 -14.20 -14.92 -53.09
CA THR A 252 -13.07 -15.82 -53.29
C THR A 252 -11.87 -14.93 -53.01
N PRO A 253 -10.74 -15.51 -52.60
CA PRO A 253 -9.55 -14.66 -52.46
C PRO A 253 -9.26 -13.82 -53.76
N GLU A 254 -9.48 -14.37 -54.96
CA GLU A 254 -9.30 -13.54 -56.17
C GLU A 254 -10.21 -12.29 -56.17
N HIS A 255 -11.40 -12.44 -55.59
CA HIS A 255 -12.43 -11.40 -55.67
C HIS A 255 -12.10 -10.34 -54.61
N GLN A 256 -11.60 -10.80 -53.46
CA GLN A 256 -11.12 -9.88 -52.44
C GLN A 256 -9.96 -9.06 -52.97
N ARG A 257 -9.02 -9.74 -53.66
CA ARG A 257 -7.86 -9.09 -54.22
C ARG A 257 -8.26 -7.94 -55.15
N ASP A 258 -9.22 -8.18 -56.05
CA ASP A 258 -9.63 -7.17 -57.04
C ASP A 258 -10.46 -6.07 -56.43
N PHE A 259 -11.29 -6.45 -55.45
CA PHE A 259 -12.12 -5.48 -54.72
C PHE A 259 -11.23 -4.46 -54.02
N ILE A 260 -10.19 -4.96 -53.34
CA ILE A 260 -9.27 -4.06 -52.66
C ILE A 260 -8.62 -3.13 -53.68
N ALA A 261 -8.13 -3.70 -54.76
CA ALA A 261 -7.36 -2.99 -55.75
C ALA A 261 -8.11 -1.90 -56.52
N ARG A 262 -9.35 -2.22 -56.93
CA ARG A 262 -10.09 -1.38 -57.87
C ARG A 262 -11.03 -0.43 -57.14
N ASP A 263 -11.47 -0.84 -55.95
CA ASP A 263 -12.57 -0.18 -55.25
C ASP A 263 -12.20 0.25 -53.82
N LEU A 264 -11.98 -0.72 -52.92
CA LEU A 264 -11.90 -0.39 -51.51
C LEU A 264 -10.65 0.37 -51.16
N GLY A 265 -9.50 -0.07 -51.69
CA GLY A 265 -8.24 0.65 -51.51
C GLY A 265 -8.30 2.07 -52.06
N PRO A 266 -8.51 2.24 -53.37
CA PRO A 266 -8.58 3.64 -53.93
C PRO A 266 -9.64 4.53 -53.27
N THR A 267 -10.78 3.97 -52.84
CA THR A 267 -11.81 4.78 -52.29
C THR A 267 -11.37 5.28 -50.91
N LEU A 268 -10.91 4.37 -50.06
CA LEU A 268 -10.38 4.79 -48.77
C LEU A 268 -9.26 5.85 -48.90
N ALA A 269 -8.38 5.65 -49.86
CA ALA A 269 -7.21 6.53 -50.04
C ALA A 269 -7.60 7.93 -50.54
N ASN A 270 -8.62 8.00 -51.39
CA ASN A 270 -9.08 9.29 -51.86
C ASN A 270 -9.95 10.05 -50.79
N SER A 271 -10.04 9.52 -49.57
CA SER A 271 -11.00 10.00 -48.60
C SER A 271 -10.33 10.58 -47.37
N THR A 272 -11.12 11.20 -46.50
CA THR A 272 -10.55 11.85 -45.32
C THR A 272 -10.08 10.79 -44.30
N HIS A 273 -10.29 9.51 -44.63
CA HIS A 273 -9.91 8.46 -43.72
C HIS A 273 -8.77 7.65 -44.26
N HIS A 274 -8.05 8.22 -45.22
CA HIS A 274 -6.85 7.59 -45.79
C HIS A 274 -5.86 7.04 -44.77
N ASN A 275 -5.90 7.48 -43.52
CA ASN A 275 -5.02 6.85 -42.52
C ASN A 275 -5.52 5.57 -41.86
N VAL A 276 -6.76 5.18 -42.13
CA VAL A 276 -7.29 3.98 -41.52
C VAL A 276 -6.57 2.81 -42.16
N ARG A 277 -6.12 1.84 -41.38
CA ARG A 277 -5.39 0.70 -41.99
C ARG A 277 -6.41 -0.28 -42.54
N LEU A 278 -6.09 -0.97 -43.62
CA LEU A 278 -6.95 -2.04 -44.09
C LEU A 278 -6.31 -3.41 -43.85
N LEU A 279 -7.07 -4.34 -43.29
CA LEU A 279 -6.58 -5.71 -43.04
C LEU A 279 -7.38 -6.66 -43.92
N MET A 280 -6.71 -7.66 -44.47
CA MET A 280 -7.34 -8.66 -45.36
C MET A 280 -7.67 -9.97 -44.63
N LEU A 281 -8.35 -10.87 -45.33
CA LEU A 281 -8.67 -12.18 -44.77
C LEU A 281 -9.74 -12.24 -43.69
N ASP A 282 -9.51 -11.64 -42.56
CA ASP A 282 -10.44 -11.70 -41.44
C ASP A 282 -11.23 -13.00 -41.33
N ASP A 283 -10.53 -14.12 -41.52
CA ASP A 283 -11.16 -15.41 -41.54
C ASP A 283 -10.24 -16.51 -40.92
N GLN A 284 -10.67 -17.78 -40.97
CA GLN A 284 -10.01 -18.86 -40.24
C GLN A 284 -8.62 -19.16 -40.70
N ARG A 285 -7.79 -19.69 -39.79
CA ARG A 285 -6.37 -19.82 -40.12
C ARG A 285 -5.95 -20.80 -41.19
N LEU A 286 -6.78 -21.79 -41.47
CA LEU A 286 -6.42 -22.70 -42.55
C LEU A 286 -6.59 -22.14 -43.93
N LEU A 287 -7.17 -20.94 -44.06
CA LEU A 287 -7.15 -20.25 -45.37
C LEU A 287 -5.80 -19.66 -45.74
N LEU A 288 -4.82 -19.80 -44.82
CA LEU A 288 -3.48 -19.28 -45.02
C LEU A 288 -2.58 -20.47 -45.23
N PRO A 289 -1.55 -20.36 -46.06
CA PRO A 289 -1.04 -19.10 -46.62
C PRO A 289 -1.70 -18.72 -47.93
N HIS A 290 -2.60 -19.58 -48.40
CA HIS A 290 -3.10 -19.45 -49.75
C HIS A 290 -3.74 -18.05 -50.01
N TRP A 291 -4.62 -17.61 -49.11
CA TRP A 291 -5.20 -16.27 -49.27
C TRP A 291 -4.14 -15.16 -49.33
N ALA A 292 -3.09 -15.27 -48.52
CA ALA A 292 -2.07 -14.24 -48.57
C ALA A 292 -1.41 -14.23 -49.97
N LYS A 293 -1.14 -15.42 -50.50
CA LYS A 293 -0.46 -15.51 -51.76
C LYS A 293 -1.29 -14.81 -52.82
N VAL A 294 -2.59 -15.12 -52.87
CA VAL A 294 -3.42 -14.55 -53.91
C VAL A 294 -3.43 -13.02 -53.78
N VAL A 295 -3.74 -12.49 -52.61
CA VAL A 295 -3.89 -11.05 -52.49
C VAL A 295 -2.58 -10.27 -52.54
N LEU A 296 -1.52 -10.77 -51.92
CA LEU A 296 -0.39 -9.92 -51.72
C LEU A 296 0.68 -10.05 -52.80
N THR A 297 0.61 -11.06 -53.67
CA THR A 297 1.52 -11.14 -54.81
C THR A 297 1.06 -10.24 -55.97
N ASP A 298 -0.14 -9.66 -55.86
CA ASP A 298 -0.58 -8.68 -56.83
C ASP A 298 -0.26 -7.28 -56.31
N PRO A 299 0.66 -6.56 -56.97
CA PRO A 299 1.09 -5.30 -56.33
C PRO A 299 -0.01 -4.20 -56.19
N GLU A 300 -1.02 -4.25 -57.05
CA GLU A 300 -2.05 -3.22 -57.12
C GLU A 300 -2.93 -3.38 -55.90
N ALA A 301 -2.87 -4.55 -55.29
CA ALA A 301 -3.64 -4.81 -54.09
C ALA A 301 -2.76 -4.66 -52.88
N ALA A 302 -1.58 -5.25 -52.92
CA ALA A 302 -0.69 -5.25 -51.78
C ALA A 302 -0.41 -3.87 -51.25
N LYS A 303 -0.31 -2.85 -52.10
CA LYS A 303 -0.01 -1.52 -51.59
C LYS A 303 -1.07 -0.95 -50.65
N TYR A 304 -2.29 -1.51 -50.63
CA TYR A 304 -3.36 -1.09 -49.71
C TYR A 304 -3.53 -1.99 -48.50
N VAL A 305 -2.87 -3.14 -48.45
CA VAL A 305 -3.06 -4.06 -47.35
C VAL A 305 -2.01 -3.84 -46.27
N HIS A 306 -2.42 -3.59 -45.03
CA HIS A 306 -1.46 -3.32 -43.98
C HIS A 306 -1.21 -4.55 -43.13
N GLY A 307 -2.16 -5.48 -43.15
CA GLY A 307 -2.03 -6.66 -42.34
C GLY A 307 -3.02 -7.73 -42.75
N ILE A 308 -2.90 -8.91 -42.15
CA ILE A 308 -3.76 -10.02 -42.39
C ILE A 308 -4.42 -10.33 -41.05
N ALA A 309 -5.75 -10.28 -41.02
CA ALA A 309 -6.52 -10.65 -39.80
C ALA A 309 -6.93 -12.13 -39.84
N VAL A 310 -6.71 -12.82 -38.75
CA VAL A 310 -7.05 -14.20 -38.65
C VAL A 310 -8.07 -14.47 -37.56
N HIS A 311 -8.86 -15.50 -37.70
CA HIS A 311 -9.78 -15.89 -36.67
C HIS A 311 -9.28 -17.12 -36.03
N TRP A 312 -9.51 -17.29 -34.75
CA TRP A 312 -9.19 -18.52 -34.06
C TRP A 312 -10.40 -19.25 -33.57
N TYR A 313 -10.76 -20.36 -34.12
CA TYR A 313 -11.83 -21.07 -33.53
C TYR A 313 -11.19 -22.08 -32.63
N LEU A 314 -11.33 -21.87 -31.34
CA LEU A 314 -10.58 -22.64 -30.36
C LEU A 314 -10.94 -24.13 -30.22
N ASP A 315 -12.06 -24.53 -30.78
CA ASP A 315 -12.55 -25.89 -30.69
C ASP A 315 -11.94 -26.81 -31.74
N PHE A 316 -11.15 -26.21 -32.62
CA PHE A 316 -10.67 -26.88 -33.82
C PHE A 316 -9.19 -26.79 -33.92
N LEU A 317 -8.62 -27.77 -34.57
CA LEU A 317 -7.20 -27.90 -34.59
C LEU A 317 -6.70 -27.20 -35.85
N ALA A 318 -5.48 -26.67 -35.77
CA ALA A 318 -4.87 -25.96 -36.90
C ALA A 318 -3.42 -25.69 -36.66
N PRO A 319 -2.53 -26.39 -37.36
CA PRO A 319 -1.07 -26.21 -37.15
C PRO A 319 -0.59 -24.76 -37.39
N ALA A 320 0.07 -24.16 -36.41
CA ALA A 320 0.49 -22.77 -36.56
C ALA A 320 1.61 -22.57 -37.60
N LYS A 321 2.51 -23.53 -37.69
CA LYS A 321 3.65 -23.37 -38.54
C LYS A 321 3.28 -23.36 -40.02
N ALA A 322 2.32 -24.19 -40.42
CA ALA A 322 1.98 -24.29 -41.84
C ALA A 322 1.11 -23.11 -42.24
N THR A 323 0.48 -22.49 -41.26
CA THR A 323 -0.41 -21.39 -41.53
C THR A 323 0.28 -20.10 -41.21
N LEU A 324 0.38 -19.73 -39.91
CA LEU A 324 1.02 -18.47 -39.50
C LEU A 324 2.51 -18.37 -39.85
N GLY A 325 3.26 -19.43 -39.56
CA GLY A 325 4.71 -19.43 -39.79
C GLY A 325 5.02 -19.18 -41.24
N GLU A 326 4.35 -19.94 -42.07
CA GLU A 326 4.61 -19.95 -43.50
C GLU A 326 4.13 -18.63 -44.10
N THR A 327 3.01 -18.12 -43.59
CA THR A 327 2.56 -16.81 -44.00
C THR A 327 3.65 -15.77 -43.69
N HIS A 328 4.24 -15.78 -42.49
CA HIS A 328 5.19 -14.76 -42.14
C HIS A 328 6.42 -14.84 -43.05
N ARG A 329 6.87 -16.07 -43.30
CA ARG A 329 8.00 -16.34 -44.13
C ARG A 329 7.83 -15.76 -45.56
N LEU A 330 6.65 -15.91 -46.16
CA LEU A 330 6.40 -15.38 -47.51
C LEU A 330 6.19 -13.84 -47.54
N PHE A 331 5.66 -13.29 -46.44
CA PHE A 331 5.35 -11.85 -46.35
C PHE A 331 5.79 -11.30 -44.99
N PRO A 332 7.10 -11.09 -44.80
CA PRO A 332 7.50 -10.85 -43.45
C PRO A 332 7.32 -9.40 -43.00
N ASN A 333 6.93 -8.54 -43.92
CA ASN A 333 6.62 -7.16 -43.57
C ASN A 333 5.14 -6.88 -43.56
N THR A 334 4.33 -7.91 -43.37
CA THR A 334 2.89 -7.73 -43.34
C THR A 334 2.41 -8.26 -42.05
N MET A 335 1.91 -7.40 -41.18
CA MET A 335 1.54 -7.86 -39.84
C MET A 335 0.39 -8.93 -39.84
N LEU A 336 0.57 -9.93 -38.99
CA LEU A 336 -0.49 -10.83 -38.58
C LEU A 336 -1.20 -10.37 -37.26
N PHE A 337 -2.54 -10.43 -37.28
CA PHE A 337 -3.35 -10.02 -36.15
C PHE A 337 -4.57 -10.91 -36.02
N ALA A 338 -4.77 -11.44 -34.81
CA ALA A 338 -5.93 -12.26 -34.53
C ALA A 338 -7.18 -11.40 -34.25
N SER A 339 -8.17 -11.42 -35.12
CA SER A 339 -9.25 -10.44 -35.01
C SER A 339 -10.55 -10.99 -34.36
N GLU A 340 -10.59 -12.30 -34.17
CA GLU A 340 -11.71 -12.97 -33.54
C GLU A 340 -11.29 -14.36 -33.03
N ALA A 341 -11.65 -14.65 -31.79
CA ALA A 341 -11.53 -15.99 -31.22
C ALA A 341 -12.75 -16.27 -30.41
N CYS A 342 -13.16 -17.53 -30.47
CA CYS A 342 -14.24 -18.00 -29.68
C CYS A 342 -14.20 -19.52 -29.45
N VAL A 343 -14.93 -19.95 -28.43
CA VAL A 343 -14.95 -21.32 -28.08
C VAL A 343 -16.36 -21.66 -27.65
N GLY A 344 -16.68 -22.93 -27.74
CA GLY A 344 -17.94 -23.47 -27.19
C GLY A 344 -18.96 -23.99 -28.16
N SER A 345 -18.61 -24.21 -29.42
CA SER A 345 -19.53 -24.74 -30.44
C SER A 345 -19.79 -26.23 -30.38
N LYS A 346 -18.91 -27.00 -29.73
CA LYS A 346 -19.09 -28.45 -29.64
C LYS A 346 -20.55 -28.84 -29.40
N PHE A 347 -21.16 -29.55 -30.37
CA PHE A 347 -22.60 -29.86 -30.28
C PHE A 347 -22.99 -30.42 -28.95
N TRP A 348 -22.02 -30.99 -28.23
CA TRP A 348 -22.27 -31.75 -27.01
C TRP A 348 -22.01 -30.97 -25.74
N GLU A 349 -21.42 -29.79 -25.91
CA GLU A 349 -21.11 -28.90 -24.79
C GLU A 349 -22.14 -27.79 -24.70
N GLN A 350 -22.29 -27.28 -23.48
CA GLN A 350 -23.09 -26.14 -23.14
C GLN A 350 -22.41 -24.92 -23.85
N SER A 351 -23.18 -24.10 -24.55
CA SER A 351 -22.58 -22.89 -25.08
C SER A 351 -21.84 -21.96 -24.04
N VAL A 352 -22.49 -21.63 -22.92
CA VAL A 352 -21.83 -20.97 -21.83
C VAL A 352 -21.61 -22.00 -20.72
N ARG A 353 -20.38 -22.19 -20.25
CA ARG A 353 -20.10 -23.03 -19.09
C ARG A 353 -19.49 -22.21 -17.97
N LEU A 354 -20.29 -21.80 -17.00
CA LEU A 354 -19.78 -20.90 -15.97
C LEU A 354 -18.69 -21.52 -15.10
N GLY A 355 -17.47 -21.00 -15.23
CA GLY A 355 -16.35 -21.49 -14.43
C GLY A 355 -15.51 -22.57 -15.07
N SER A 356 -15.71 -22.82 -16.38
CA SER A 356 -14.88 -23.84 -17.06
C SER A 356 -13.43 -23.42 -17.12
N TRP A 357 -12.55 -24.17 -16.45
CA TRP A 357 -11.11 -23.95 -16.52
C TRP A 357 -10.49 -24.37 -17.88
N ASP A 358 -10.88 -25.51 -18.46
CA ASP A 358 -10.28 -26.00 -19.69
C ASP A 358 -10.34 -24.90 -20.76
N ARG A 359 -11.45 -24.20 -20.76
CA ARG A 359 -11.77 -23.12 -21.72
C ARG A 359 -10.91 -21.88 -21.60
N GLY A 360 -10.53 -21.52 -20.37
CA GLY A 360 -9.48 -20.52 -20.17
C GLY A 360 -8.10 -20.93 -20.71
N MET A 361 -7.60 -22.08 -20.26
CA MET A 361 -6.41 -22.75 -20.84
C MET A 361 -6.36 -22.71 -22.37
N GLN A 362 -7.49 -23.00 -22.98
CA GLN A 362 -7.63 -22.88 -24.40
C GLN A 362 -7.37 -21.47 -24.86
N TYR A 363 -7.80 -20.48 -24.11
CA TYR A 363 -7.59 -19.11 -24.55
C TYR A 363 -6.12 -18.73 -24.46
N SER A 364 -5.53 -18.96 -23.29
CA SER A 364 -4.12 -18.63 -23.07
C SER A 364 -3.15 -19.41 -24.00
N HIS A 365 -3.38 -20.72 -24.12
CA HIS A 365 -2.57 -21.52 -25.01
C HIS A 365 -2.54 -20.88 -26.39
N SER A 366 -3.70 -20.53 -26.89
CA SER A 366 -3.79 -20.01 -28.24
C SER A 366 -3.17 -18.66 -28.38
N ILE A 367 -3.30 -17.82 -27.35
CA ILE A 367 -2.60 -16.54 -27.32
C ILE A 367 -1.06 -16.66 -27.36
N ILE A 368 -0.50 -17.55 -26.57
CA ILE A 368 0.90 -17.90 -26.59
C ILE A 368 1.36 -18.50 -27.91
N THR A 369 0.61 -19.39 -28.48
CA THR A 369 0.96 -19.84 -29.78
C THR A 369 1.01 -18.69 -30.73
N SER A 370 0.06 -17.80 -30.62
CA SER A 370 -0.04 -16.62 -31.46
C SER A 370 1.17 -15.75 -31.49
N LEU A 371 1.68 -15.44 -30.33
CA LEU A 371 2.85 -14.62 -30.13
C LEU A 371 4.15 -15.22 -30.54
N LEU A 372 4.13 -16.50 -30.72
CA LEU A 372 5.26 -17.22 -31.00
C LEU A 372 5.22 -17.41 -32.46
N TYR A 373 4.07 -17.16 -33.05
CA TYR A 373 4.02 -17.14 -34.51
C TYR A 373 3.71 -15.75 -35.07
N HIS A 374 4.37 -14.74 -34.48
CA HIS A 374 4.44 -13.41 -35.09
C HIS A 374 3.20 -12.56 -34.97
N VAL A 375 2.16 -13.06 -34.32
CA VAL A 375 0.92 -12.32 -34.27
C VAL A 375 1.09 -11.11 -33.31
N VAL A 376 0.56 -9.95 -33.70
CA VAL A 376 0.85 -8.72 -32.99
C VAL A 376 -0.28 -8.26 -32.09
N GLY A 377 -1.45 -8.90 -32.18
CA GLY A 377 -2.61 -8.54 -31.36
C GLY A 377 -3.61 -9.69 -31.29
N TRP A 378 -4.56 -9.59 -30.37
CA TRP A 378 -5.54 -10.64 -30.18
C TRP A 378 -6.85 -10.03 -29.69
N THR A 379 -7.89 -10.24 -30.47
CA THR A 379 -9.20 -9.71 -30.16
C THR A 379 -10.17 -10.85 -29.92
N ASP A 380 -10.72 -10.92 -28.71
CA ASP A 380 -11.79 -11.87 -28.39
C ASP A 380 -13.10 -11.46 -29.06
N TRP A 381 -14.13 -12.32 -29.06
CA TRP A 381 -15.43 -12.04 -29.71
C TRP A 381 -16.29 -11.37 -28.63
N ASN A 382 -17.61 -11.57 -28.61
CA ASN A 382 -18.49 -10.86 -27.66
C ASN A 382 -17.98 -10.52 -26.24
N LEU A 383 -17.89 -9.21 -25.95
CA LEU A 383 -17.42 -8.77 -24.63
C LEU A 383 -18.22 -9.41 -23.49
N ALA A 384 -19.49 -9.70 -23.75
CA ALA A 384 -20.42 -10.13 -22.73
C ALA A 384 -21.58 -10.79 -23.42
N LEU A 385 -22.11 -11.81 -22.79
CA LEU A 385 -23.30 -12.51 -23.25
C LEU A 385 -24.21 -12.84 -22.06
N ASN A 386 -25.47 -13.20 -22.35
CA ASN A 386 -26.37 -13.64 -21.29
C ASN A 386 -26.07 -15.14 -20.95
N PRO A 387 -26.76 -15.71 -19.96
CA PRO A 387 -26.33 -17.09 -19.63
C PRO A 387 -26.72 -18.20 -20.61
N GLU A 388 -27.53 -17.94 -21.63
CA GLU A 388 -27.84 -18.98 -22.60
C GLU A 388 -26.87 -18.84 -23.73
N GLY A 389 -26.13 -17.75 -23.68
CA GLY A 389 -25.12 -17.35 -24.66
C GLY A 389 -25.68 -16.45 -25.74
N GLY A 390 -26.65 -15.61 -25.40
CA GLY A 390 -27.26 -14.73 -26.39
C GLY A 390 -27.29 -13.26 -25.93
N PRO A 391 -28.06 -12.41 -26.61
CA PRO A 391 -29.00 -12.79 -27.67
C PRO A 391 -28.31 -13.02 -29.00
N ASN A 392 -28.79 -14.03 -29.75
CA ASN A 392 -28.29 -14.36 -31.08
C ASN A 392 -29.49 -14.71 -31.96
N TRP A 393 -29.68 -14.06 -33.12
CA TRP A 393 -30.95 -14.32 -33.85
C TRP A 393 -30.99 -15.66 -34.65
N VAL A 394 -29.86 -16.36 -34.72
CA VAL A 394 -29.82 -17.63 -35.41
C VAL A 394 -29.79 -18.77 -34.42
N ARG A 395 -28.74 -18.79 -33.61
CA ARG A 395 -28.46 -19.84 -32.62
C ARG A 395 -27.23 -19.46 -31.78
N ASN A 396 -27.29 -19.84 -30.49
CA ASN A 396 -26.26 -19.63 -29.46
C ASN A 396 -25.14 -20.67 -29.50
N PHE A 397 -23.92 -20.29 -29.85
CA PHE A 397 -22.94 -21.33 -30.10
C PHE A 397 -21.68 -21.23 -29.28
N VAL A 398 -21.44 -20.08 -28.66
CA VAL A 398 -20.14 -19.81 -28.09
C VAL A 398 -20.18 -19.19 -26.69
N ASP A 399 -19.08 -19.30 -25.95
CA ASP A 399 -19.00 -18.67 -24.63
C ASP A 399 -18.57 -17.18 -24.73
N SER A 400 -18.56 -16.48 -23.59
CA SER A 400 -17.95 -15.16 -23.49
C SER A 400 -17.28 -15.02 -22.13
N PRO A 401 -16.23 -14.16 -22.03
CA PRO A 401 -15.50 -14.00 -20.76
C PRO A 401 -16.33 -13.41 -19.60
N ILE A 402 -17.37 -12.67 -19.94
CA ILE A 402 -18.28 -12.16 -18.93
C ILE A 402 -19.71 -12.48 -19.28
N ILE A 403 -20.47 -12.95 -18.30
CA ILE A 403 -21.84 -13.39 -18.47
C ILE A 403 -22.71 -12.54 -17.53
N VAL A 404 -23.72 -11.89 -18.09
CA VAL A 404 -24.57 -11.00 -17.38
C VAL A 404 -25.86 -11.71 -17.01
N ASP A 405 -26.29 -11.53 -15.76
CA ASP A 405 -27.53 -12.11 -15.29
C ASP A 405 -28.47 -10.97 -14.90
N ILE A 406 -29.22 -10.45 -15.88
CA ILE A 406 -30.04 -9.23 -15.69
C ILE A 406 -31.00 -9.21 -14.49
N THR A 407 -31.68 -10.32 -14.25
CA THR A 407 -32.65 -10.42 -13.19
C THR A 407 -32.01 -10.34 -11.81
N LYS A 408 -30.69 -10.46 -11.70
CA LYS A 408 -30.03 -10.39 -10.37
C LYS A 408 -29.08 -9.21 -10.35
N ASP A 409 -29.21 -8.37 -11.36
CA ASP A 409 -28.28 -7.28 -11.62
C ASP A 409 -26.82 -7.66 -11.33
N THR A 410 -26.42 -8.88 -11.66
CA THR A 410 -25.08 -9.28 -11.38
C THR A 410 -24.40 -9.75 -12.66
N PHE A 411 -23.07 -9.78 -12.65
CA PHE A 411 -22.35 -10.42 -13.74
C PHE A 411 -21.24 -11.31 -13.29
N TYR A 412 -20.96 -12.35 -14.07
CA TYR A 412 -19.91 -13.28 -13.74
C TYR A 412 -18.66 -13.21 -14.62
N LYS A 413 -17.48 -13.06 -14.02
CA LYS A 413 -16.25 -13.08 -14.79
C LYS A 413 -15.66 -14.49 -14.86
N GLN A 414 -15.64 -15.09 -16.06
CA GLN A 414 -15.16 -16.49 -16.28
C GLN A 414 -13.63 -16.66 -16.25
N PRO A 415 -13.15 -17.89 -15.94
CA PRO A 415 -11.70 -18.15 -16.09
C PRO A 415 -11.16 -17.51 -17.40
N MET A 416 -11.96 -17.57 -18.48
CA MET A 416 -11.53 -17.00 -19.74
C MET A 416 -10.98 -15.61 -19.52
N PHE A 417 -11.74 -14.78 -18.82
CA PHE A 417 -11.43 -13.40 -18.54
C PHE A 417 -10.05 -13.25 -17.88
N TYR A 418 -9.78 -14.04 -16.86
CA TYR A 418 -8.45 -14.04 -16.24
C TYR A 418 -7.34 -14.54 -17.16
N HIS A 419 -7.65 -15.56 -17.95
CA HIS A 419 -6.68 -16.04 -18.93
C HIS A 419 -6.30 -14.98 -19.98
N LEU A 420 -7.23 -14.25 -20.57
CA LEU A 420 -6.89 -13.09 -21.37
C LEU A 420 -6.10 -12.04 -20.58
N GLY A 421 -6.57 -11.72 -19.37
CA GLY A 421 -5.97 -10.68 -18.53
C GLY A 421 -4.48 -10.92 -18.23
N HIS A 422 -4.12 -12.18 -17.97
CA HIS A 422 -2.71 -12.53 -17.86
C HIS A 422 -1.85 -11.98 -18.99
N PHE A 423 -2.47 -11.72 -20.14
CA PHE A 423 -1.79 -11.08 -21.26
C PHE A 423 -2.11 -9.62 -21.35
N SER A 424 -3.39 -9.30 -21.44
CA SER A 424 -3.78 -7.95 -21.80
C SER A 424 -3.31 -6.92 -20.81
N LYS A 425 -3.20 -7.27 -19.55
CA LYS A 425 -2.98 -6.28 -18.49
C LYS A 425 -1.51 -5.89 -18.40
N PHE A 426 -0.65 -6.79 -18.86
CA PHE A 426 0.78 -6.66 -18.68
C PHE A 426 1.59 -6.53 -19.98
N ILE A 427 0.93 -6.42 -21.14
CA ILE A 427 1.64 -6.27 -22.40
C ILE A 427 1.06 -5.05 -23.12
N PRO A 428 1.59 -3.86 -22.83
CA PRO A 428 1.04 -2.64 -23.48
C PRO A 428 1.43 -2.58 -24.94
N GLU A 429 0.77 -1.69 -25.72
CA GLU A 429 1.10 -1.51 -27.14
C GLU A 429 2.55 -1.04 -27.13
N GLY A 430 3.34 -1.44 -28.12
CA GLY A 430 4.76 -1.10 -28.17
C GLY A 430 5.67 -2.20 -27.60
N SER A 431 5.12 -3.09 -26.76
CA SER A 431 5.85 -4.24 -26.26
C SER A 431 6.43 -5.08 -27.40
N GLN A 432 7.54 -5.73 -27.14
CA GLN A 432 8.18 -6.50 -28.17
C GLN A 432 8.59 -7.86 -27.66
N ARG A 433 8.17 -8.88 -28.37
CA ARG A 433 8.50 -10.23 -28.03
C ARG A 433 10.02 -10.49 -28.20
N VAL A 434 10.59 -11.27 -27.31
CA VAL A 434 12.02 -11.51 -27.32
C VAL A 434 12.31 -13.00 -27.11
N GLY A 435 13.55 -13.40 -27.30
CA GLY A 435 13.85 -14.80 -27.12
C GLY A 435 13.60 -15.32 -25.71
N LEU A 436 13.13 -16.55 -25.58
CA LEU A 436 13.12 -17.21 -24.32
C LEU A 436 13.48 -18.65 -24.57
N VAL A 437 14.63 -19.10 -24.07
CA VAL A 437 15.07 -20.45 -24.38
C VAL A 437 14.79 -21.50 -23.30
N ALA A 438 14.10 -22.55 -23.72
CA ALA A 438 13.87 -23.70 -22.88
C ALA A 438 15.19 -24.49 -22.85
N SER A 439 15.65 -24.86 -21.65
CA SER A 439 16.85 -25.74 -21.52
C SER A 439 16.60 -27.21 -21.93
N GLN A 440 15.36 -27.68 -21.85
CA GLN A 440 15.00 -29.08 -22.13
C GLN A 440 13.48 -29.19 -22.49
N LYS A 441 13.07 -30.28 -23.12
CA LYS A 441 11.66 -30.52 -23.51
C LYS A 441 10.83 -30.43 -22.24
N ASN A 442 9.68 -29.78 -22.32
CA ASN A 442 8.90 -29.55 -21.12
C ASN A 442 7.42 -29.52 -21.43
N ASP A 443 6.60 -29.44 -20.39
CA ASP A 443 5.16 -29.41 -20.61
C ASP A 443 4.54 -28.04 -20.56
N LEU A 444 5.34 -27.03 -20.27
CA LEU A 444 4.84 -25.66 -20.20
C LEU A 444 4.75 -24.94 -21.54
N ASP A 445 3.94 -23.91 -21.55
CA ASP A 445 3.89 -22.93 -22.63
C ASP A 445 4.31 -21.60 -22.04
N ALA A 446 5.32 -20.98 -22.65
CA ALA A 446 5.90 -19.73 -22.16
C ALA A 446 6.24 -18.80 -23.30
N VAL A 447 6.07 -17.50 -23.06
CA VAL A 447 6.43 -16.46 -23.98
C VAL A 447 7.00 -15.30 -23.19
N ALA A 448 7.97 -14.60 -23.77
CA ALA A 448 8.63 -13.52 -23.08
C ALA A 448 8.55 -12.31 -23.94
N LEU A 449 8.41 -11.14 -23.30
CA LEU A 449 8.38 -9.88 -24.03
C LEU A 449 9.00 -8.79 -23.20
N MET A 450 9.21 -7.65 -23.85
CA MET A 450 9.90 -6.55 -23.22
C MET A 450 9.04 -5.33 -23.40
N HIS A 451 8.75 -4.71 -22.28
CA HIS A 451 7.99 -3.48 -22.28
C HIS A 451 8.72 -2.36 -23.01
N PRO A 452 7.93 -1.38 -23.48
CA PRO A 452 8.49 -0.20 -24.12
C PRO A 452 9.59 0.42 -23.25
N ASP A 453 9.43 0.41 -21.92
CA ASP A 453 10.42 0.97 -21.02
C ASP A 453 11.58 -0.02 -20.67
N GLY A 454 11.65 -1.18 -21.31
CA GLY A 454 12.79 -2.10 -21.07
C GLY A 454 12.62 -3.22 -20.04
N SER A 455 11.58 -3.16 -19.23
CA SER A 455 11.34 -4.21 -18.25
C SER A 455 10.78 -5.48 -18.89
N ALA A 456 10.85 -6.58 -18.14
CA ALA A 456 10.51 -7.89 -18.64
C ALA A 456 9.08 -8.37 -18.22
N VAL A 457 8.46 -9.21 -19.05
CA VAL A 457 7.24 -9.89 -18.69
C VAL A 457 7.31 -11.31 -19.29
N VAL A 458 6.96 -12.31 -18.48
CA VAL A 458 6.95 -13.64 -19.00
C VAL A 458 5.65 -14.34 -18.60
N VAL A 459 5.03 -15.02 -19.55
CA VAL A 459 3.79 -15.70 -19.21
C VAL A 459 4.06 -17.18 -19.28
N VAL A 460 3.54 -17.92 -18.32
CA VAL A 460 3.80 -19.31 -18.17
C VAL A 460 2.53 -20.07 -17.82
N LEU A 461 2.16 -20.98 -18.71
CA LEU A 461 0.92 -21.76 -18.63
C LEU A 461 1.24 -23.22 -18.40
N ASN A 462 0.65 -23.83 -17.37
CA ASN A 462 0.83 -25.25 -17.10
C ASN A 462 -0.48 -25.96 -17.34
N ARG A 463 -0.56 -26.59 -18.51
CA ARG A 463 -1.79 -27.32 -18.87
C ARG A 463 -1.81 -28.76 -18.31
N SER A 464 -0.78 -29.18 -17.61
CA SER A 464 -0.77 -30.54 -17.07
C SER A 464 -1.29 -30.54 -15.64
N SER A 465 -1.41 -31.71 -15.04
CA SER A 465 -1.88 -31.77 -13.65
C SER A 465 -0.72 -31.73 -12.67
N LYS A 466 0.50 -31.89 -13.16
CA LYS A 466 1.66 -31.99 -12.29
C LYS A 466 2.32 -30.63 -12.16
N ASP A 467 2.73 -30.29 -10.93
CA ASP A 467 3.55 -29.10 -10.62
C ASP A 467 4.90 -29.19 -11.27
N VAL A 468 5.37 -28.12 -11.92
CA VAL A 468 6.69 -28.10 -12.58
C VAL A 468 7.64 -27.09 -11.95
N PRO A 469 8.74 -27.59 -11.32
CA PRO A 469 9.79 -26.67 -10.85
C PRO A 469 10.54 -26.01 -12.02
N LEU A 470 10.81 -24.72 -11.86
CA LEU A 470 11.18 -23.85 -12.95
C LEU A 470 12.14 -22.73 -12.48
N THR A 471 13.19 -22.50 -13.24
CA THR A 471 14.08 -21.38 -13.08
C THR A 471 13.96 -20.49 -14.33
N ILE A 472 13.89 -19.18 -14.14
CA ILE A 472 13.94 -18.27 -15.25
C ILE A 472 15.18 -17.37 -15.05
N LYS A 473 16.08 -17.34 -16.05
CA LYS A 473 17.30 -16.56 -16.00
C LYS A 473 17.16 -15.31 -16.85
N ASP A 474 17.47 -14.16 -16.28
CA ASP A 474 17.65 -12.98 -17.08
C ASP A 474 19.13 -12.65 -16.94
N PRO A 475 19.89 -12.66 -18.07
CA PRO A 475 21.36 -12.44 -18.03
C PRO A 475 21.80 -11.19 -17.28
N ALA A 476 21.00 -10.14 -17.29
CA ALA A 476 21.39 -8.90 -16.65
C ALA A 476 20.92 -8.76 -15.19
N VAL A 477 20.28 -9.80 -14.63
CA VAL A 477 19.68 -9.67 -13.29
C VAL A 477 19.94 -10.88 -12.41
N GLY A 478 19.78 -12.10 -12.94
CA GLY A 478 19.98 -13.32 -12.16
C GLY A 478 18.93 -14.42 -12.43
N PHE A 479 18.67 -15.21 -11.40
CA PHE A 479 17.80 -16.32 -11.53
C PHE A 479 16.53 -16.18 -10.67
N LEU A 480 15.39 -16.53 -11.28
CA LEU A 480 14.12 -16.50 -10.60
C LEU A 480 13.74 -17.94 -10.34
N GLU A 481 13.71 -18.34 -9.08
CA GLU A 481 13.35 -19.70 -8.71
C GLU A 481 11.85 -19.82 -8.39
N THR A 482 11.16 -20.71 -9.08
CA THR A 482 9.71 -20.76 -8.89
C THR A 482 9.18 -22.17 -9.16
N ILE A 483 7.88 -22.34 -8.97
CA ILE A 483 7.16 -23.55 -9.31
C ILE A 483 5.95 -23.09 -10.05
N SER A 484 5.66 -23.81 -11.13
CA SER A 484 4.46 -23.61 -11.95
C SER A 484 3.47 -24.72 -11.57
N PRO A 485 2.50 -24.43 -10.69
CA PRO A 485 1.55 -25.50 -10.25
C PRO A 485 0.74 -26.09 -11.42
N GLY A 486 0.34 -27.35 -11.32
CA GLY A 486 -0.60 -27.96 -12.29
C GLY A 486 -1.79 -27.06 -12.52
N TYR A 487 -2.18 -26.88 -13.80
CA TYR A 487 -3.40 -26.13 -14.18
C TYR A 487 -3.29 -24.74 -13.57
N SER A 488 -2.25 -24.02 -13.97
CA SER A 488 -2.05 -22.66 -13.53
C SER A 488 -1.53 -21.77 -14.63
N ILE A 489 -1.60 -20.47 -14.41
CA ILE A 489 -1.00 -19.54 -15.32
C ILE A 489 -0.43 -18.46 -14.48
N HIS A 490 0.82 -18.09 -14.79
CA HIS A 490 1.54 -17.06 -14.06
C HIS A 490 1.96 -15.99 -15.05
N THR A 491 2.09 -14.75 -14.57
CA THR A 491 2.79 -13.75 -15.34
C THR A 491 3.85 -13.15 -14.43
N TYR A 492 5.09 -13.06 -14.91
CA TYR A 492 6.19 -12.53 -14.12
C TYR A 492 6.59 -11.19 -14.69
N LEU A 493 6.96 -10.26 -13.81
CA LEU A 493 7.43 -8.92 -14.25
C LEU A 493 8.61 -8.46 -13.41
N TRP A 494 9.55 -7.79 -14.05
CA TRP A 494 10.74 -7.26 -13.39
C TRP A 494 11.45 -6.12 -14.04
N ARG A 495 12.23 -5.38 -13.29
CA ARG A 495 13.15 -4.40 -13.79
C ARG A 495 14.40 -5.04 -14.32
N ARG A 496 15.00 -4.49 -15.33
CA ARG A 496 16.22 -5.09 -15.82
C ARG A 496 17.41 -4.21 -15.49
N GLN A 497 17.14 -3.06 -14.92
CA GLN A 497 18.14 -2.09 -14.68
C GLN A 497 17.97 -1.40 -13.36
N ALA B 1 25.63 7.88 50.00
CA ALA B 1 27.07 8.13 49.68
C ALA B 1 27.23 9.51 49.02
N ARG B 2 27.72 9.56 47.78
CA ARG B 2 28.39 10.74 47.26
C ARG B 2 27.45 11.90 46.99
N PRO B 3 27.74 13.08 47.57
CA PRO B 3 26.94 14.31 47.45
C PRO B 3 27.20 15.01 46.14
N CYS B 4 26.30 15.92 45.80
CA CYS B 4 26.43 16.76 44.61
C CYS B 4 27.65 17.72 44.66
N ILE B 5 28.47 17.70 43.60
CA ILE B 5 29.44 18.75 43.37
C ILE B 5 28.80 19.95 42.62
N PRO B 6 28.47 21.03 43.34
CA PRO B 6 27.77 22.14 42.72
C PRO B 6 28.64 23.07 41.86
N LYS B 7 28.06 23.58 40.79
CA LYS B 7 28.69 24.60 39.96
C LYS B 7 27.54 25.40 39.37
N SER B 8 27.80 26.69 39.16
CA SER B 8 26.83 27.67 38.71
C SER B 8 27.26 28.22 37.35
N PHE B 9 26.32 28.37 36.42
CA PHE B 9 26.61 29.02 35.14
C PHE B 9 25.75 30.27 35.00
N GLY B 10 25.43 30.90 36.11
CA GLY B 10 24.69 32.15 36.04
C GLY B 10 23.18 32.05 35.99
N TYR B 11 22.64 30.84 36.16
CA TYR B 11 21.19 30.69 36.22
C TYR B 11 20.64 30.65 37.66
N SER B 12 19.36 30.40 37.82
CA SER B 12 18.78 30.51 39.15
C SER B 12 19.29 29.47 40.10
N SER B 13 19.98 28.43 39.62
CA SER B 13 20.46 27.31 40.51
C SER B 13 21.71 26.62 39.99
N VAL B 14 22.08 25.50 40.59
CA VAL B 14 23.36 24.87 40.28
C VAL B 14 23.20 23.56 39.51
N VAL B 15 24.27 23.08 38.88
CA VAL B 15 24.25 21.73 38.28
C VAL B 15 25.10 20.90 39.19
N CYS B 16 24.99 19.58 39.13
CA CYS B 16 25.94 18.68 39.82
C CYS B 16 26.94 18.14 38.80
N VAL B 17 28.23 18.40 39.00
CA VAL B 17 29.25 18.07 38.01
C VAL B 17 29.64 16.64 38.26
N CYS B 18 29.71 15.83 37.20
CA CYS B 18 30.17 14.44 37.28
C CYS B 18 31.29 14.24 36.27
N ASN B 19 32.19 13.33 36.59
CA ASN B 19 33.23 12.98 35.67
C ASN B 19 33.60 11.50 35.82
N ALA B 20 34.81 11.17 35.42
CA ALA B 20 35.21 9.79 35.25
C ALA B 20 35.40 9.13 36.61
N THR B 21 35.75 9.94 37.61
CA THR B 21 36.03 9.35 38.91
C THR B 21 35.03 9.72 39.97
N TYR B 22 34.02 10.52 39.61
CA TYR B 22 33.08 11.00 40.62
C TYR B 22 31.71 11.36 40.09
N CYS B 23 30.68 10.93 40.81
CA CYS B 23 29.32 11.37 40.54
C CYS B 23 28.52 11.23 41.80
N ASP B 24 27.61 12.19 42.04
CA ASP B 24 26.71 12.06 43.17
C ASP B 24 25.82 10.79 43.02
N SER B 25 25.50 10.19 44.15
CA SER B 25 24.81 8.93 44.17
C SER B 25 24.15 8.67 45.53
N PHE B 26 23.16 7.76 45.49
CA PHE B 26 22.41 7.37 46.65
C PHE B 26 23.00 6.14 47.27
N ASP B 27 22.71 5.96 48.55
CA ASP B 27 22.90 4.68 49.21
C ASP B 27 21.84 3.74 48.69
N PRO B 28 22.03 2.43 48.89
CA PRO B 28 20.90 1.51 48.54
C PRO B 28 19.60 1.88 49.25
N PRO B 29 18.48 1.72 48.55
CA PRO B 29 17.18 2.19 49.07
C PRO B 29 16.85 1.58 50.44
N THR B 30 16.27 2.36 51.34
CA THR B 30 15.88 1.86 52.65
C THR B 30 14.43 2.22 52.89
N PHE B 31 13.69 1.34 53.55
CA PHE B 31 12.40 1.75 54.09
C PHE B 31 12.42 2.10 55.60
N PRO B 32 11.86 3.27 55.96
CA PRO B 32 11.68 3.69 57.34
C PRO B 32 10.78 2.74 58.10
N ALA B 33 11.05 2.54 59.41
CA ALA B 33 10.12 1.83 60.29
C ALA B 33 8.72 2.51 60.38
N LEU B 34 7.68 1.68 60.55
CA LEU B 34 6.31 2.11 60.88
C LEU B 34 6.32 3.17 61.98
N GLY B 35 5.62 4.27 61.76
CA GLY B 35 5.60 5.31 62.75
C GLY B 35 6.52 6.45 62.39
N THR B 36 7.32 6.29 61.33
CA THR B 36 8.26 7.32 60.87
C THR B 36 8.12 7.47 59.35
N PHE B 37 8.46 8.64 58.80
CA PHE B 37 8.49 8.86 57.36
C PHE B 37 9.88 9.22 56.86
N SER B 38 10.19 8.89 55.61
CA SER B 38 11.35 9.44 54.91
C SER B 38 10.97 10.70 54.15
N ARG B 39 11.88 11.67 54.07
CA ARG B 39 11.74 12.86 53.20
C ARG B 39 12.99 13.04 52.31
N TYR B 40 12.79 13.21 51.01
CA TYR B 40 13.88 13.54 50.08
C TYR B 40 13.61 14.94 49.63
N GLU B 41 14.66 15.75 49.51
CA GLU B 41 14.46 17.17 49.34
C GLU B 41 15.38 17.77 48.29
N SER B 42 14.82 18.60 47.43
CA SER B 42 15.61 19.38 46.49
C SER B 42 15.17 20.85 46.50
N THR B 43 16.14 21.75 46.67
CA THR B 43 15.84 23.15 46.81
C THR B 43 16.62 23.93 45.77
N ARG B 44 16.19 25.16 45.48
CA ARG B 44 16.88 25.96 44.54
C ARG B 44 18.23 26.42 45.08
N SER B 45 18.34 26.44 46.42
CA SER B 45 19.56 26.81 47.14
C SER B 45 20.63 25.74 47.03
N GLY B 46 20.22 24.53 46.63
CA GLY B 46 21.21 23.58 46.15
C GLY B 46 21.15 22.21 46.78
N ARG B 47 20.19 22.00 47.68
CA ARG B 47 19.96 20.65 48.18
C ARG B 47 19.52 19.74 46.98
N ARG B 48 19.99 18.50 46.96
CA ARG B 48 19.73 17.57 45.85
C ARG B 48 19.34 16.21 46.40
N MET B 49 18.03 15.96 46.40
CA MET B 49 17.40 14.76 46.97
C MET B 49 18.05 14.28 48.28
N GLU B 50 18.11 15.19 49.23
CA GLU B 50 18.66 14.88 50.54
C GLU B 50 17.69 14.03 51.34
N LEU B 51 18.20 13.05 52.07
CA LEU B 51 17.35 12.15 52.82
C LEU B 51 17.31 12.59 54.30
N SER B 52 16.10 12.86 54.78
CA SER B 52 15.87 12.97 56.23
C SER B 52 14.68 12.11 56.61
N MET B 53 14.46 12.05 57.91
CA MET B 53 13.47 11.17 58.47
C MET B 53 12.91 11.82 59.74
N GLY B 54 11.62 11.61 59.98
CA GLY B 54 10.89 12.25 61.05
C GLY B 54 9.78 11.34 61.47
N PRO B 55 9.11 11.63 62.61
CA PRO B 55 8.04 10.79 63.21
C PRO B 55 6.66 11.13 62.72
N ILE B 56 5.76 10.15 62.73
CA ILE B 56 4.38 10.43 62.40
C ILE B 56 3.64 10.64 63.72
N GLN B 57 2.99 11.77 63.87
CA GLN B 57 2.29 12.09 65.10
C GLN B 57 0.96 11.36 65.19
N ALA B 58 0.52 11.05 66.41
CA ALA B 58 -0.83 10.50 66.61
C ALA B 58 -1.91 11.57 66.54
N ASN B 59 -1.56 12.82 66.83
CA ASN B 59 -2.53 13.89 66.98
C ASN B 59 -2.06 15.16 66.34
N HIS B 60 -3.01 16.00 65.98
CA HIS B 60 -2.62 17.22 65.33
C HIS B 60 -3.54 18.35 65.69
N THR B 61 -2.96 19.45 66.12
CA THR B 61 -3.71 20.66 66.47
C THR B 61 -3.43 21.71 65.44
N GLY B 62 -4.46 22.31 64.88
CA GLY B 62 -4.13 23.52 64.21
C GLY B 62 -5.05 24.03 63.16
N THR B 63 -4.57 25.12 62.59
CA THR B 63 -5.29 25.96 61.68
C THR B 63 -4.51 25.97 60.35
N GLY B 64 -3.31 25.38 60.35
CA GLY B 64 -2.46 25.30 59.14
C GLY B 64 -3.03 24.35 58.07
N LEU B 65 -2.36 24.30 56.93
CA LEU B 65 -2.86 23.52 55.80
C LEU B 65 -2.76 22.02 56.02
N LEU B 66 -3.86 21.32 55.71
CA LEU B 66 -3.88 19.88 55.90
C LEU B 66 -4.21 19.12 54.60
N LEU B 67 -3.31 18.20 54.25
CA LEU B 67 -3.53 17.37 53.07
C LEU B 67 -4.00 16.00 53.52
N THR B 68 -5.13 15.54 53.05
CA THR B 68 -5.64 14.31 53.60
C THR B 68 -5.59 13.18 52.59
N LEU B 69 -4.91 12.10 52.94
CA LEU B 69 -4.89 10.91 52.12
C LEU B 69 -6.26 10.27 52.08
N GLN B 70 -6.69 9.85 50.91
CA GLN B 70 -7.94 9.07 50.77
C GLN B 70 -7.71 7.72 50.10
N PRO B 71 -7.08 6.82 50.82
CA PRO B 71 -6.57 5.58 50.25
C PRO B 71 -7.67 4.78 49.58
N GLU B 72 -8.93 5.12 49.81
CA GLU B 72 -9.97 4.42 49.09
C GLU B 72 -10.23 4.98 47.72
N GLN B 73 -9.88 6.23 47.46
CA GLN B 73 -10.03 6.76 46.13
C GLN B 73 -8.89 6.26 45.28
N LYS B 74 -9.18 5.27 44.47
CA LYS B 74 -8.22 4.58 43.59
C LYS B 74 -8.29 5.09 42.15
N PHE B 75 -7.14 5.47 41.58
CA PHE B 75 -7.14 6.02 40.23
C PHE B 75 -6.10 5.25 39.49
N GLN B 76 -5.70 5.67 38.31
CA GLN B 76 -4.71 4.95 37.53
C GLN B 76 -3.48 4.23 38.16
N LYS B 77 -3.13 3.07 37.59
CA LYS B 77 -1.89 2.38 37.89
C LYS B 77 -0.76 2.95 37.02
N VAL B 78 0.48 2.92 37.50
CA VAL B 78 1.54 3.60 36.80
C VAL B 78 2.43 2.63 36.02
N LYS B 79 2.74 2.98 34.79
CA LYS B 79 3.64 2.14 34.00
C LYS B 79 5.14 2.38 34.33
N GLY B 80 5.51 3.67 34.35
CA GLY B 80 6.86 4.13 34.67
C GLY B 80 7.34 5.45 34.16
N PHE B 81 8.67 5.61 34.20
CA PHE B 81 9.37 6.88 33.96
C PHE B 81 10.62 6.61 33.22
N GLY B 82 11.03 7.52 32.32
CA GLY B 82 12.31 7.34 31.66
C GLY B 82 12.52 8.34 30.55
N GLY B 83 13.40 8.01 29.61
CA GLY B 83 13.75 8.93 28.58
C GLY B 83 14.08 8.23 27.29
N ALA B 84 14.55 9.02 26.34
CA ALA B 84 14.78 8.59 24.97
C ALA B 84 16.26 8.40 24.63
N MET B 85 16.55 7.28 23.99
CA MET B 85 17.90 6.96 23.59
C MET B 85 18.02 7.36 22.11
N THR B 86 18.24 8.64 21.87
CA THR B 86 18.35 9.12 20.49
C THR B 86 19.77 8.90 19.99
N ASP B 87 19.98 9.03 18.68
CA ASP B 87 21.32 9.10 18.13
C ASP B 87 22.15 10.14 18.91
N ALA B 88 21.57 11.31 19.12
CA ALA B 88 22.29 12.34 19.86
C ALA B 88 22.67 11.92 21.30
N ALA B 89 21.76 11.27 22.00
CA ALA B 89 22.09 10.93 23.35
C ALA B 89 23.23 9.93 23.29
N ALA B 90 23.06 8.91 22.47
CA ALA B 90 24.02 7.83 22.44
C ALA B 90 25.41 8.37 22.06
N LEU B 91 25.40 9.31 21.14
CA LEU B 91 26.62 9.77 20.62
C LEU B 91 27.37 10.61 21.64
N ASN B 92 26.65 11.43 22.42
CA ASN B 92 27.28 12.21 23.48
C ASN B 92 27.72 11.26 24.61
N ILE B 93 26.87 10.28 24.94
CA ILE B 93 27.22 9.38 26.02
C ILE B 93 28.49 8.64 25.69
N LEU B 94 28.58 8.12 24.47
CA LEU B 94 29.73 7.28 24.14
C LEU B 94 30.98 8.07 23.86
N ALA B 95 30.87 9.38 23.78
CA ALA B 95 32.03 10.25 23.58
C ALA B 95 32.78 10.48 24.88
N LEU B 96 32.16 10.16 25.99
CA LEU B 96 32.79 10.30 27.27
C LEU B 96 33.76 9.15 27.46
N SER B 97 34.58 9.18 28.49
CA SER B 97 35.42 8.01 28.75
C SER B 97 34.59 6.87 29.36
N PRO B 98 35.13 5.64 29.31
CA PRO B 98 34.26 4.53 29.79
C PRO B 98 33.80 4.58 31.26
N PRO B 99 34.67 4.99 32.19
CA PRO B 99 34.09 5.09 33.55
C PRO B 99 33.06 6.19 33.65
N ALA B 100 33.27 7.33 32.99
CA ALA B 100 32.25 8.40 33.02
C ALA B 100 30.92 7.87 32.42
N GLN B 101 31.01 7.10 31.32
CA GLN B 101 29.82 6.44 30.77
C GLN B 101 29.09 5.66 31.83
N ASN B 102 29.80 4.85 32.61
CA ASN B 102 29.17 3.97 33.58
C ASN B 102 28.36 4.76 34.59
N LEU B 103 28.85 5.94 34.92
CA LEU B 103 28.27 6.77 35.97
C LEU B 103 27.08 7.53 35.48
N LEU B 104 27.17 7.98 34.23
CA LEU B 104 26.02 8.56 33.54
C LEU B 104 24.91 7.51 33.45
N LEU B 105 25.19 6.31 33.00
CA LEU B 105 24.16 5.28 32.95
C LEU B 105 23.64 4.89 34.37
N LYS B 106 24.54 4.86 35.35
CA LYS B 106 24.14 4.59 36.72
C LYS B 106 23.15 5.64 37.23
N SER B 107 23.36 6.90 36.86
CA SER B 107 22.56 8.00 37.35
C SER B 107 21.10 7.79 37.01
N TYR B 108 20.87 7.38 35.77
CA TYR B 108 19.52 7.13 35.27
C TYR B 108 18.92 5.81 35.66
N PHE B 109 19.74 4.78 35.63
CA PHE B 109 19.16 3.46 35.67
C PHE B 109 19.38 2.68 36.93
N SER B 110 20.42 2.98 37.70
CA SER B 110 20.72 2.19 38.86
C SER B 110 19.82 2.52 40.07
N GLU B 111 19.80 1.68 41.11
CA GLU B 111 19.14 2.08 42.35
C GLU B 111 20.02 3.13 43.05
N GLU B 112 21.31 3.14 42.78
CA GLU B 112 22.14 4.23 43.26
C GLU B 112 21.80 5.51 42.52
N GLY B 113 21.09 5.37 41.40
CA GLY B 113 20.58 6.51 40.64
C GLY B 113 19.09 6.78 40.86
N ILE B 114 18.40 7.19 39.78
CA ILE B 114 16.98 7.51 39.88
C ILE B 114 16.00 6.52 39.26
N GLY B 115 16.46 5.30 38.95
CA GLY B 115 15.55 4.20 38.64
C GLY B 115 14.61 4.30 37.45
N TYR B 116 15.08 4.83 36.33
CA TYR B 116 14.27 4.80 35.10
C TYR B 116 13.89 3.38 34.73
N ASN B 117 12.68 3.19 34.21
CA ASN B 117 12.31 1.85 33.78
C ASN B 117 11.64 1.87 32.41
N ILE B 118 11.87 2.96 31.67
CA ILE B 118 11.40 3.12 30.29
C ILE B 118 12.49 3.72 29.41
N ILE B 119 12.68 3.17 28.21
CA ILE B 119 13.53 3.79 27.25
C ILE B 119 12.78 3.85 25.93
N ARG B 120 12.68 5.05 25.34
CA ARG B 120 12.05 5.17 24.06
C ARG B 120 13.15 5.12 23.02
N VAL B 121 12.91 4.36 21.95
CA VAL B 121 13.88 4.15 20.91
C VAL B 121 13.32 4.60 19.57
N PRO B 122 13.93 5.63 18.93
CA PRO B 122 13.50 5.98 17.60
C PRO B 122 13.77 4.83 16.65
N MET B 123 12.79 4.56 15.79
CA MET B 123 13.01 3.65 14.67
C MET B 123 13.69 4.58 13.68
N ALA B 124 14.95 4.24 13.40
CA ALA B 124 15.86 5.06 12.61
C ALA B 124 16.22 6.51 13.04
N SER B 125 16.20 7.44 12.08
CA SER B 125 16.79 8.77 12.33
C SER B 125 15.65 9.77 12.57
N CYS B 126 15.89 10.74 13.44
CA CYS B 126 14.93 11.83 13.65
C CYS B 126 15.76 13.05 13.67
N ASP B 127 15.26 14.17 14.19
CA ASP B 127 16.02 15.42 14.15
C ASP B 127 17.23 15.41 15.11
N PHE B 128 17.18 14.56 16.13
CA PHE B 128 18.32 14.38 17.01
C PHE B 128 19.19 13.25 16.52
N SER B 129 19.56 13.43 15.27
CA SER B 129 20.52 12.60 14.59
C SER B 129 21.45 13.57 13.84
N ILE B 130 22.63 13.08 13.47
CA ILE B 130 23.54 13.86 12.65
C ILE B 130 23.35 13.58 11.14
N ARG B 131 22.46 12.66 10.77
CA ARG B 131 22.24 12.37 9.36
C ARG B 131 20.86 11.71 9.16
N THR B 132 20.31 11.76 7.95
CA THR B 132 19.05 11.13 7.69
C THR B 132 19.28 9.75 7.05
N TYR B 133 18.50 8.75 7.44
CA TYR B 133 18.61 7.35 6.96
C TYR B 133 17.35 6.63 7.45
N THR B 134 17.00 5.54 6.79
CA THR B 134 15.94 4.72 7.27
C THR B 134 16.60 3.39 7.30
N TYR B 135 15.85 2.35 7.64
CA TYR B 135 16.36 1.00 7.66
C TYR B 135 16.29 0.27 6.27
N ALA B 136 15.82 0.99 5.24
CA ALA B 136 15.42 0.42 3.93
C ALA B 136 15.49 1.52 2.87
N ASP B 137 16.69 2.03 2.65
CA ASP B 137 16.85 3.14 1.79
C ASP B 137 16.94 2.80 0.30
N THR B 138 17.15 1.54 -0.02
CA THR B 138 17.15 1.07 -1.39
C THR B 138 15.78 1.35 -2.00
N PRO B 139 15.72 2.11 -3.10
CA PRO B 139 14.43 2.43 -3.71
C PRO B 139 13.59 1.24 -4.14
N ASP B 140 12.28 1.33 -3.88
CA ASP B 140 11.26 0.34 -4.24
C ASP B 140 11.47 -1.05 -3.67
N ASP B 141 12.20 -1.14 -2.57
CA ASP B 141 12.44 -2.44 -2.06
C ASP B 141 11.24 -2.88 -1.23
N PHE B 142 10.12 -3.10 -1.91
CA PHE B 142 8.90 -3.54 -1.27
C PHE B 142 9.01 -4.78 -0.42
N GLN B 143 9.94 -5.68 -0.70
CA GLN B 143 10.00 -6.95 0.05
C GLN B 143 10.86 -6.80 1.29
N LEU B 144 11.48 -5.63 1.41
CA LEU B 144 12.40 -5.27 2.46
C LEU B 144 13.64 -6.20 2.55
N HIS B 145 14.06 -6.67 1.39
CA HIS B 145 15.20 -7.55 1.23
C HIS B 145 16.50 -6.88 1.72
N ASN B 146 16.65 -5.59 1.48
CA ASN B 146 17.80 -4.85 1.98
C ASN B 146 17.52 -4.02 3.27
N PHE B 147 16.60 -4.48 4.12
CA PHE B 147 16.35 -3.83 5.41
C PHE B 147 17.54 -4.13 6.32
N SER B 148 18.05 -3.13 7.04
CA SER B 148 19.07 -3.44 8.05
C SER B 148 19.40 -2.28 8.98
N LEU B 149 19.87 -2.61 10.18
CA LEU B 149 20.26 -1.58 11.10
C LEU B 149 21.67 -1.09 10.78
N PRO B 150 21.85 0.23 10.68
CA PRO B 150 23.20 0.75 10.54
C PRO B 150 23.92 0.83 11.91
N GLU B 151 25.07 1.48 11.91
CA GLU B 151 25.89 1.59 13.10
C GLU B 151 25.24 2.36 14.22
N GLU B 152 24.46 3.36 13.88
CA GLU B 152 23.72 4.11 14.90
C GLU B 152 22.96 3.18 15.87
N ASP B 153 22.46 2.03 15.35
CA ASP B 153 21.77 1.04 16.17
C ASP B 153 22.78 0.06 16.76
N THR B 154 23.62 -0.53 15.91
CA THR B 154 24.52 -1.59 16.35
C THR B 154 25.73 -1.16 17.15
N LYS B 155 26.24 0.08 17.04
CA LYS B 155 27.47 0.42 17.79
C LYS B 155 27.15 1.53 18.80
N LEU B 156 25.96 2.13 18.68
CA LEU B 156 25.57 3.15 19.64
C LEU B 156 24.36 2.86 20.52
N LYS B 157 23.17 2.77 19.95
CA LYS B 157 21.96 2.62 20.77
C LYS B 157 21.83 1.30 21.52
N ILE B 158 22.11 0.21 20.82
CA ILE B 158 21.88 -1.12 21.35
C ILE B 158 22.90 -1.51 22.45
N PRO B 159 24.21 -1.31 22.20
CA PRO B 159 25.18 -1.49 23.31
C PRO B 159 24.80 -0.67 24.55
N LEU B 160 24.44 0.61 24.37
CA LEU B 160 24.02 1.43 25.49
C LEU B 160 22.73 0.89 26.17
N ILE B 161 21.77 0.42 25.36
CA ILE B 161 20.55 -0.12 25.91
C ILE B 161 20.87 -1.34 26.77
N HIS B 162 21.76 -2.23 26.26
CA HIS B 162 22.07 -3.45 27.05
C HIS B 162 22.70 -3.02 28.36
N ARG B 163 23.57 -1.98 28.30
CA ARG B 163 24.27 -1.56 29.52
C ARG B 163 23.29 -1.00 30.54
N ALA B 164 22.21 -0.38 30.06
CA ALA B 164 21.21 0.19 30.97
C ALA B 164 20.37 -0.88 31.63
N LEU B 165 19.97 -1.89 30.87
CA LEU B 165 19.20 -2.99 31.40
C LEU B 165 20.00 -3.76 32.43
N GLN B 166 21.26 -3.99 32.14
CA GLN B 166 22.18 -4.71 33.02
C GLN B 166 22.32 -4.01 34.37
N LEU B 167 22.33 -2.67 34.34
CA LEU B 167 22.49 -1.84 35.50
C LEU B 167 21.25 -1.67 36.31
N ALA B 168 20.09 -1.78 35.68
CA ALA B 168 18.85 -1.43 36.35
C ALA B 168 18.39 -2.51 37.32
N GLN B 169 17.64 -2.16 38.34
CA GLN B 169 16.97 -3.27 39.02
C GLN B 169 15.52 -3.57 38.58
N ARG B 170 14.79 -2.53 38.23
CA ARG B 170 13.46 -2.78 37.77
C ARG B 170 13.50 -3.38 36.32
N PRO B 171 12.56 -4.25 35.98
CA PRO B 171 12.47 -4.57 34.55
C PRO B 171 12.25 -3.26 33.76
N VAL B 172 13.02 -3.05 32.70
CA VAL B 172 12.85 -1.86 31.85
C VAL B 172 11.91 -2.16 30.68
N SER B 173 11.05 -1.22 30.30
CA SER B 173 10.28 -1.37 29.11
C SER B 173 10.79 -0.48 27.99
N LEU B 174 10.88 -1.03 26.79
CA LEU B 174 11.28 -0.27 25.63
C LEU B 174 10.05 0.05 24.79
N LEU B 175 10.06 1.28 24.27
CA LEU B 175 8.98 1.90 23.46
C LEU B 175 9.60 2.38 22.13
N ALA B 176 9.06 1.99 20.97
CA ALA B 176 9.62 2.43 19.68
C ALA B 176 8.73 3.44 18.97
N SER B 177 9.35 4.33 18.17
CA SER B 177 8.60 5.30 17.34
C SER B 177 9.35 5.64 16.06
N PRO B 178 8.71 5.49 14.90
CA PRO B 178 9.36 5.93 13.66
C PRO B 178 9.10 7.40 13.37
N TRP B 179 10.06 8.13 12.83
CA TRP B 179 9.75 9.53 12.39
C TRP B 179 9.28 9.54 10.92
N THR B 180 10.03 8.88 10.02
CA THR B 180 9.71 8.81 8.60
C THR B 180 9.82 7.38 8.06
N SER B 181 9.03 7.02 7.06
CA SER B 181 9.24 5.76 6.38
C SER B 181 10.37 6.01 5.41
N PRO B 182 10.86 4.95 4.74
CA PRO B 182 11.70 5.18 3.56
C PRO B 182 11.02 6.11 2.60
N THR B 183 11.77 6.91 1.87
CA THR B 183 11.14 7.92 1.01
C THR B 183 10.31 7.38 -0.15
N TRP B 184 10.75 6.28 -0.77
CA TRP B 184 9.97 5.62 -1.84
C TRP B 184 8.59 5.10 -1.38
N LEU B 185 8.24 5.30 -0.10
CA LEU B 185 6.87 4.97 0.33
C LEU B 185 5.98 6.19 0.42
N LYS B 186 6.57 7.36 0.20
CA LYS B 186 5.92 8.59 0.53
C LYS B 186 5.55 9.40 -0.69
N THR B 187 4.41 10.09 -0.60
CA THR B 187 3.91 10.91 -1.68
C THR B 187 4.90 11.97 -2.18
N ASN B 188 5.70 12.56 -1.31
CA ASN B 188 6.63 13.62 -1.73
C ASN B 188 8.06 13.14 -1.94
N GLY B 189 8.36 11.89 -1.64
CA GLY B 189 9.68 11.33 -1.91
C GLY B 189 10.79 12.00 -1.13
N ALA B 190 10.48 12.48 0.08
CA ALA B 190 11.51 13.03 0.92
C ALA B 190 11.29 12.59 2.37
N VAL B 191 12.31 12.78 3.22
CA VAL B 191 12.23 12.39 4.63
C VAL B 191 11.41 13.45 5.36
N ASN B 192 11.51 14.69 4.89
CA ASN B 192 10.79 15.79 5.53
C ASN B 192 9.77 16.27 4.57
N GLY B 193 9.23 17.47 4.85
CA GLY B 193 8.25 18.10 3.99
C GLY B 193 6.90 17.47 4.20
N LYS B 194 5.90 17.94 3.48
CA LYS B 194 4.56 17.46 3.65
C LYS B 194 4.44 16.27 2.73
N GLY B 195 4.10 15.12 3.32
CA GLY B 195 3.66 13.97 2.55
C GLY B 195 3.32 12.80 3.46
N SER B 196 2.58 11.84 2.93
CA SER B 196 2.25 10.67 3.68
C SER B 196 2.52 9.43 2.86
N LEU B 197 2.15 8.27 3.40
CA LEU B 197 2.22 7.05 2.64
C LEU B 197 1.41 7.19 1.38
N LYS B 198 1.95 6.70 0.26
CA LYS B 198 1.25 6.67 -1.02
C LYS B 198 0.05 5.74 -0.96
N GLY B 199 -0.91 6.01 -1.86
CA GLY B 199 -2.07 5.12 -2.05
C GLY B 199 -2.94 5.16 -0.84
N GLN B 200 -3.36 4.00 -0.35
CA GLN B 200 -4.28 4.00 0.80
C GLN B 200 -4.29 2.69 1.55
N PRO B 201 -4.72 2.74 2.83
CA PRO B 201 -4.57 1.59 3.73
C PRO B 201 -5.06 0.30 3.11
N GLY B 202 -4.39 -0.79 3.41
CA GLY B 202 -4.71 -2.04 2.78
C GLY B 202 -3.85 -2.31 1.57
N ASP B 203 -3.34 -1.28 0.91
CA ASP B 203 -2.45 -1.48 -0.26
C ASP B 203 -0.97 -1.86 -0.04
N ILE B 204 -0.27 -2.11 -1.14
CA ILE B 204 1.12 -2.51 -1.09
C ILE B 204 1.98 -1.57 -0.25
N TYR B 205 1.79 -0.24 -0.38
CA TYR B 205 2.61 0.70 0.41
C TYR B 205 2.34 0.52 1.91
N HIS B 206 1.06 0.55 2.25
CA HIS B 206 0.69 0.47 3.63
C HIS B 206 1.09 -0.88 4.18
N GLN B 207 0.92 -1.95 3.40
CA GLN B 207 1.34 -3.27 3.92
C GLN B 207 2.86 -3.32 4.15
N THR B 208 3.66 -2.79 3.21
CA THR B 208 5.11 -2.70 3.37
C THR B 208 5.46 -1.94 4.66
N TRP B 209 4.80 -0.81 4.88
CA TRP B 209 5.14 -0.01 6.02
C TRP B 209 4.88 -0.75 7.33
N ALA B 210 3.79 -1.48 7.40
CA ALA B 210 3.58 -2.34 8.56
C ALA B 210 4.65 -3.45 8.60
N ARG B 211 4.96 -4.11 7.47
CA ARG B 211 5.99 -5.16 7.53
C ARG B 211 7.28 -4.62 8.15
N TYR B 212 7.49 -3.33 7.96
CA TYR B 212 8.71 -2.69 8.43
C TYR B 212 8.78 -2.59 9.96
N PHE B 213 7.65 -2.30 10.61
CA PHE B 213 7.59 -2.51 12.05
C PHE B 213 8.10 -3.89 12.46
N VAL B 214 7.59 -4.95 11.81
CA VAL B 214 7.98 -6.32 12.16
C VAL B 214 9.46 -6.55 11.88
N LYS B 215 9.98 -5.98 10.79
CA LYS B 215 11.39 -6.20 10.52
C LYS B 215 12.23 -5.51 11.57
N PHE B 216 11.77 -4.33 11.97
CA PHE B 216 12.41 -3.62 13.06
C PHE B 216 12.44 -4.46 14.34
N LEU B 217 11.27 -5.02 14.73
CA LEU B 217 11.19 -5.81 15.96
C LEU B 217 12.02 -7.06 15.83
N ASP B 218 11.99 -7.69 14.65
CA ASP B 218 12.89 -8.82 14.36
C ASP B 218 14.37 -8.47 14.52
N ALA B 219 14.75 -7.29 14.08
CA ALA B 219 16.16 -6.98 14.12
C ALA B 219 16.59 -6.81 15.57
N TYR B 220 15.79 -6.10 16.36
CA TYR B 220 16.19 -5.86 17.71
C TYR B 220 16.17 -7.15 18.54
N ALA B 221 15.27 -8.08 18.18
CA ALA B 221 15.19 -9.34 18.87
C ALA B 221 16.44 -10.18 18.59
N GLU B 222 17.05 -9.99 17.42
CA GLU B 222 18.29 -10.71 17.10
C GLU B 222 19.40 -10.18 17.97
N HIS B 223 19.21 -9.00 18.57
CA HIS B 223 20.17 -8.50 19.56
C HIS B 223 19.65 -8.64 20.96
N LYS B 224 18.62 -9.47 21.13
CA LYS B 224 18.13 -9.82 22.47
C LYS B 224 17.42 -8.67 23.13
N LEU B 225 16.65 -7.92 22.33
CA LEU B 225 15.88 -6.80 22.87
C LEU B 225 14.42 -6.88 22.48
N GLN B 226 13.54 -6.85 23.46
CA GLN B 226 12.10 -6.93 23.20
C GLN B 226 11.44 -5.58 23.52
N PHE B 227 10.40 -5.23 22.78
CA PHE B 227 9.69 -4.00 23.10
C PHE B 227 8.40 -4.22 23.84
N TRP B 228 8.08 -3.27 24.73
CA TRP B 228 6.82 -3.29 25.42
C TRP B 228 5.75 -2.77 24.46
N ALA B 229 6.11 -1.77 23.65
CA ALA B 229 5.17 -0.98 22.89
C ALA B 229 5.78 -0.29 21.67
N VAL B 230 4.94 0.01 20.68
CA VAL B 230 5.37 0.87 19.57
C VAL B 230 4.34 1.94 19.39
N THR B 231 4.72 3.12 18.92
CA THR B 231 3.67 4.11 18.59
C THR B 231 3.37 3.93 17.12
N ALA B 232 2.29 4.47 16.63
CA ALA B 232 1.91 4.25 15.24
C ALA B 232 2.68 5.21 14.36
N GLU B 233 3.17 6.31 14.93
CA GLU B 233 3.93 7.31 14.19
C GLU B 233 4.35 8.36 15.22
N ASN B 234 5.46 9.02 15.00
CA ASN B 234 5.81 10.09 15.91
C ASN B 234 5.15 11.27 15.27
N GLU B 235 4.39 12.04 16.04
CA GLU B 235 3.84 13.32 15.58
C GLU B 235 3.34 13.27 14.16
N PRO B 236 2.31 12.45 13.92
CA PRO B 236 1.66 12.30 12.64
C PRO B 236 1.18 13.61 12.12
N SER B 237 0.82 14.52 13.02
CA SER B 237 0.26 15.78 12.56
C SER B 237 1.32 16.60 11.81
N ALA B 238 2.60 16.29 12.05
CA ALA B 238 3.67 17.02 11.36
C ALA B 238 3.79 16.78 9.87
N GLY B 239 3.51 15.56 9.43
CA GLY B 239 3.71 15.24 8.02
C GLY B 239 2.66 15.88 7.12
N LEU B 240 1.81 16.70 7.75
CA LEU B 240 0.75 17.43 7.09
C LEU B 240 1.06 18.92 6.88
N LEU B 241 2.15 19.41 7.48
CA LEU B 241 2.56 20.80 7.38
C LEU B 241 3.54 20.96 6.23
N SER B 242 3.23 21.83 5.27
CA SER B 242 4.13 22.04 4.17
C SER B 242 5.39 22.67 4.64
N GLY B 243 6.49 22.32 3.98
CA GLY B 243 7.84 22.66 4.42
C GLY B 243 8.31 22.09 5.79
N TYR B 244 7.60 21.12 6.41
CA TYR B 244 8.05 20.66 7.72
C TYR B 244 9.52 20.25 7.58
N PRO B 245 10.40 20.70 8.51
CA PRO B 245 11.84 20.69 8.27
C PRO B 245 12.58 19.35 8.50
N PHE B 246 12.08 18.47 9.35
CA PHE B 246 12.79 17.23 9.60
C PHE B 246 11.93 15.98 9.43
N GLN B 247 12.42 14.81 9.88
CA GLN B 247 11.82 13.55 9.45
C GLN B 247 10.35 13.47 9.89
N CYS B 248 9.49 12.97 9.01
CA CYS B 248 8.09 12.93 9.33
C CYS B 248 7.28 12.11 8.32
N LEU B 249 6.03 11.78 8.66
CA LEU B 249 5.18 10.97 7.83
C LEU B 249 3.82 11.39 8.30
N GLY B 250 3.01 12.02 7.45
CA GLY B 250 1.77 12.61 7.93
C GLY B 250 0.58 11.67 7.89
N PHE B 251 -0.26 11.70 8.91
CA PHE B 251 -1.52 10.97 8.86
C PHE B 251 -2.54 11.90 9.46
N THR B 252 -3.66 11.98 8.77
CA THR B 252 -4.85 12.54 9.36
C THR B 252 -5.32 11.50 10.40
N PRO B 253 -6.06 11.95 11.40
CA PRO B 253 -6.58 10.92 12.31
C PRO B 253 -7.34 9.77 11.56
N GLU B 254 -8.11 10.13 10.52
CA GLU B 254 -8.82 9.14 9.68
C GLU B 254 -7.83 8.17 9.02
N HIS B 255 -6.71 8.70 8.51
CA HIS B 255 -5.66 7.89 7.90
C HIS B 255 -5.05 7.00 9.03
N GLN B 256 -4.95 7.51 10.25
CA GLN B 256 -4.27 6.70 11.27
C GLN B 256 -5.18 5.55 11.65
N ARG B 257 -6.45 5.88 11.86
CA ARG B 257 -7.48 4.88 12.09
C ARG B 257 -7.41 3.77 11.04
N ASP B 258 -7.48 4.15 9.78
CA ASP B 258 -7.56 3.18 8.72
C ASP B 258 -6.27 2.39 8.64
N PHE B 259 -5.13 3.07 8.77
CA PHE B 259 -3.86 2.37 8.84
C PHE B 259 -3.82 1.31 9.91
N ILE B 260 -4.29 1.66 11.11
CA ILE B 260 -4.25 0.74 12.25
C ILE B 260 -5.13 -0.50 12.03
N ALA B 261 -6.27 -0.31 11.40
CA ALA B 261 -7.24 -1.40 11.31
C ALA B 261 -6.92 -2.27 10.13
N ARG B 262 -6.40 -1.69 9.04
CA ARG B 262 -6.21 -2.49 7.83
C ARG B 262 -4.83 -3.20 7.76
N ASP B 263 -3.80 -2.52 8.29
CA ASP B 263 -2.41 -2.97 8.11
C ASP B 263 -1.67 -3.21 9.42
N LEU B 264 -1.45 -2.13 10.19
CA LEU B 264 -0.56 -2.23 11.34
C LEU B 264 -1.09 -3.21 12.40
N GLY B 265 -2.37 -3.04 12.81
CA GLY B 265 -2.98 -3.95 13.77
C GLY B 265 -2.84 -5.40 13.35
N PRO B 266 -3.45 -5.76 12.20
CA PRO B 266 -3.40 -7.14 11.73
C PRO B 266 -1.96 -7.68 11.56
N THR B 267 -1.06 -6.85 11.05
CA THR B 267 0.28 -7.33 10.75
C THR B 267 1.01 -7.61 12.03
N LEU B 268 0.88 -6.72 13.01
CA LEU B 268 1.45 -6.97 14.34
C LEU B 268 0.86 -8.23 14.99
N ALA B 269 -0.47 -8.35 14.91
CA ALA B 269 -1.17 -9.53 15.35
C ALA B 269 -0.75 -10.86 14.71
N ASN B 270 -0.54 -10.94 13.39
CA ASN B 270 -0.25 -12.24 12.80
C ASN B 270 1.21 -12.62 12.90
N SER B 271 1.95 -11.91 13.73
CA SER B 271 3.41 -12.13 13.85
C SER B 271 3.86 -12.62 15.21
N THR B 272 5.16 -12.88 15.33
CA THR B 272 5.72 -13.41 16.56
C THR B 272 5.86 -12.30 17.61
N HIS B 273 5.51 -11.08 17.25
CA HIS B 273 5.57 -9.93 18.15
C HIS B 273 4.21 -9.43 18.67
N HIS B 274 3.19 -10.30 18.61
CA HIS B 274 1.79 -9.92 18.83
C HIS B 274 1.54 -9.36 20.21
N ASN B 275 2.36 -9.76 21.19
CA ASN B 275 2.29 -9.21 22.55
C ASN B 275 2.74 -7.73 22.68
N VAL B 276 3.44 -7.20 21.68
CA VAL B 276 3.83 -5.79 21.66
C VAL B 276 2.56 -4.94 21.66
N ARG B 277 2.50 -3.90 22.52
CA ARG B 277 1.39 -2.98 22.56
C ARG B 277 1.55 -1.90 21.54
N LEU B 278 0.41 -1.44 21.00
CA LEU B 278 0.36 -0.33 20.09
C LEU B 278 -0.30 0.88 20.72
N LEU B 279 0.40 2.01 20.68
CA LEU B 279 -0.13 3.26 21.20
C LEU B 279 -0.37 4.16 20.02
N MET B 280 -1.44 4.96 20.07
CA MET B 280 -1.76 5.85 18.95
C MET B 280 -1.43 7.31 19.28
N LEU B 281 -1.65 8.19 18.30
CA LEU B 281 -1.39 9.63 18.48
C LEU B 281 0.05 10.18 18.62
N ASP B 282 0.79 9.77 19.66
CA ASP B 282 2.20 10.18 19.87
C ASP B 282 2.39 11.60 19.39
N ASP B 283 1.48 12.48 19.82
CA ASP B 283 1.44 13.90 19.41
C ASP B 283 1.02 14.88 20.55
N GLN B 284 0.97 16.18 20.26
CA GLN B 284 0.67 17.15 21.31
C GLN B 284 -0.70 17.01 21.98
N ARG B 285 -0.86 17.61 23.16
CA ARG B 285 -2.08 17.51 23.94
C ARG B 285 -3.33 18.03 23.22
N LEU B 286 -3.19 19.13 22.51
CA LEU B 286 -4.39 19.75 21.95
C LEU B 286 -5.02 18.94 20.83
N LEU B 287 -4.42 17.81 20.44
CA LEU B 287 -5.05 16.98 19.40
C LEU B 287 -6.11 16.08 19.99
N LEU B 288 -6.23 16.19 21.32
CA LEU B 288 -7.15 15.41 22.11
C LEU B 288 -8.26 16.35 22.52
N PRO B 289 -9.51 15.83 22.60
CA PRO B 289 -9.82 14.42 22.40
C PRO B 289 -10.20 14.07 20.97
N HIS B 290 -10.14 15.03 20.04
CA HIS B 290 -10.56 14.78 18.65
C HIS B 290 -9.92 13.51 18.02
N TRP B 291 -8.60 13.39 18.06
CA TRP B 291 -7.96 12.23 17.48
C TRP B 291 -8.41 10.87 18.12
N ALA B 292 -8.61 10.87 19.44
CA ALA B 292 -9.08 9.69 20.11
C ALA B 292 -10.49 9.36 19.64
N LYS B 293 -11.34 10.37 19.51
CA LYS B 293 -12.71 10.11 19.09
C LYS B 293 -12.73 9.43 17.70
N VAL B 294 -11.91 9.99 16.80
CA VAL B 294 -11.82 9.47 15.47
C VAL B 294 -11.28 8.02 15.42
N VAL B 295 -10.24 7.72 16.18
CA VAL B 295 -9.65 6.39 16.10
C VAL B 295 -10.46 5.40 16.91
N LEU B 296 -10.80 5.73 18.16
CA LEU B 296 -11.36 4.73 19.07
C LEU B 296 -12.86 4.36 18.88
N THR B 297 -13.64 5.22 18.22
CA THR B 297 -15.04 4.92 17.97
C THR B 297 -15.19 3.99 16.76
N ASP B 298 -14.11 3.67 16.08
CA ASP B 298 -14.13 2.59 15.12
C ASP B 298 -13.56 1.32 15.77
N PRO B 299 -14.40 0.32 15.96
CA PRO B 299 -13.97 -0.90 16.63
C PRO B 299 -12.95 -1.73 15.88
N GLU B 300 -12.82 -1.59 14.57
CA GLU B 300 -11.76 -2.33 13.88
C GLU B 300 -10.41 -1.76 14.23
N ALA B 301 -10.33 -0.44 14.36
CA ALA B 301 -9.14 0.23 14.88
C ALA B 301 -8.92 -0.04 16.36
N ALA B 302 -9.96 0.25 17.15
CA ALA B 302 -9.89 0.22 18.63
C ALA B 302 -9.36 -1.08 19.18
N LYS B 303 -9.73 -2.18 18.53
CA LYS B 303 -9.39 -3.46 19.07
C LYS B 303 -7.88 -3.65 19.10
N TYR B 304 -7.17 -2.85 18.29
CA TYR B 304 -5.69 -2.92 18.20
C TYR B 304 -4.98 -1.97 19.12
N VAL B 305 -5.70 -0.98 19.61
CA VAL B 305 -5.05 0.07 20.36
C VAL B 305 -5.04 -0.15 21.88
N HIS B 306 -3.85 -0.24 22.45
CA HIS B 306 -3.75 -0.32 23.88
C HIS B 306 -3.85 1.03 24.64
N GLY B 307 -3.50 2.14 23.99
CA GLY B 307 -3.35 3.36 24.73
C GLY B 307 -3.03 4.53 23.84
N ILE B 308 -2.99 5.71 24.43
CA ILE B 308 -2.79 6.93 23.69
C ILE B 308 -1.50 7.57 24.21
N ALA B 309 -0.55 7.82 23.31
CA ALA B 309 0.70 8.52 23.61
C ALA B 309 0.53 10.00 23.36
N VAL B 310 0.88 10.82 24.35
CA VAL B 310 0.87 12.28 24.18
C VAL B 310 2.24 12.91 24.39
N HIS B 311 2.47 14.01 23.67
CA HIS B 311 3.66 14.78 23.87
C HIS B 311 3.27 15.97 24.71
N TRP B 312 4.25 16.48 25.46
CA TRP B 312 4.07 17.64 26.38
C TRP B 312 5.19 18.58 26.07
N TYR B 313 4.91 19.62 25.31
CA TYR B 313 5.87 20.69 25.15
C TYR B 313 5.69 21.64 26.33
N LEU B 314 6.66 21.63 27.26
CA LEU B 314 6.53 22.33 28.52
C LEU B 314 6.42 23.87 28.45
N ASP B 315 6.82 24.44 27.32
CA ASP B 315 6.84 25.89 27.12
C ASP B 315 5.53 26.38 26.55
N PHE B 316 4.54 25.51 26.47
CA PHE B 316 3.27 25.81 25.85
C PHE B 316 2.14 25.38 26.78
N LEU B 317 0.98 26.01 26.64
CA LEU B 317 -0.13 25.72 27.52
C LEU B 317 -1.04 24.73 26.87
N ALA B 318 -1.74 23.96 27.66
CA ALA B 318 -2.86 23.17 27.14
C ALA B 318 -3.74 22.86 28.34
N PRO B 319 -5.05 23.10 28.25
CA PRO B 319 -5.87 22.83 29.47
C PRO B 319 -6.00 21.32 29.73
N ALA B 320 -5.58 20.84 30.88
CA ALA B 320 -5.53 19.39 31.07
C ALA B 320 -6.93 18.72 31.07
N LYS B 321 -7.89 19.42 31.65
CA LYS B 321 -9.22 18.90 31.69
C LYS B 321 -9.83 18.71 30.27
N ALA B 322 -9.77 19.71 29.40
CA ALA B 322 -10.46 19.62 28.09
C ALA B 322 -9.81 18.61 27.15
N THR B 323 -8.56 18.22 27.48
CA THR B 323 -7.75 17.29 26.68
C THR B 323 -7.70 15.87 27.30
N LEU B 324 -6.88 15.68 28.34
CA LEU B 324 -6.77 14.39 29.00
C LEU B 324 -8.04 14.02 29.73
N GLY B 325 -8.64 14.97 30.44
CA GLY B 325 -9.79 14.68 31.28
C GLY B 325 -10.91 14.14 30.44
N GLU B 326 -11.26 14.87 29.38
CA GLU B 326 -12.35 14.49 28.54
C GLU B 326 -12.08 13.16 27.83
N THR B 327 -10.83 12.96 27.39
CA THR B 327 -10.44 11.73 26.70
C THR B 327 -10.63 10.56 27.65
N HIS B 328 -10.25 10.75 28.91
CA HIS B 328 -10.43 9.69 29.87
C HIS B 328 -11.92 9.36 30.03
N ARG B 329 -12.72 10.41 30.19
CA ARG B 329 -14.18 10.23 30.32
C ARG B 329 -14.80 9.45 29.14
N LEU B 330 -14.36 9.72 27.92
CA LEU B 330 -14.85 9.03 26.74
C LEU B 330 -14.31 7.63 26.61
N PHE B 331 -13.07 7.41 27.05
CA PHE B 331 -12.43 6.14 26.84
C PHE B 331 -11.72 5.73 28.11
N PRO B 332 -12.50 5.37 29.13
CA PRO B 332 -11.91 5.05 30.43
C PRO B 332 -10.95 3.88 30.43
N ASN B 333 -10.98 2.97 29.44
CA ASN B 333 -10.08 1.82 29.53
C ASN B 333 -8.95 1.86 28.54
N THR B 334 -8.71 3.02 27.96
CA THR B 334 -7.57 3.18 27.09
C THR B 334 -6.55 4.09 27.72
N MET B 335 -5.49 3.49 28.25
CA MET B 335 -4.51 4.27 28.99
C MET B 335 -3.94 5.48 28.22
N LEU B 336 -3.79 6.58 28.97
CA LEU B 336 -3.06 7.77 28.58
C LEU B 336 -1.64 7.74 29.07
N PHE B 337 -0.69 7.95 28.15
CA PHE B 337 0.75 7.83 28.45
C PHE B 337 1.48 9.00 27.85
N ALA B 338 2.47 9.53 28.52
CA ALA B 338 3.15 10.69 28.03
C ALA B 338 4.49 10.19 27.49
N SER B 339 4.67 10.34 26.18
CA SER B 339 5.74 9.62 25.49
C SER B 339 6.93 10.53 25.13
N GLU B 340 6.79 11.84 25.37
CA GLU B 340 7.87 12.76 25.06
C GLU B 340 7.56 14.09 25.69
N ALA B 341 8.50 14.60 26.43
CA ALA B 341 8.35 15.95 26.90
C ALA B 341 9.66 16.72 26.75
N CYS B 342 9.57 18.01 26.46
CA CYS B 342 10.80 18.82 26.43
C CYS B 342 10.57 20.30 26.72
N VAL B 343 11.66 20.99 27.10
CA VAL B 343 11.66 22.46 27.09
C VAL B 343 12.73 23.11 26.24
N GLY B 344 12.47 24.36 25.92
CA GLY B 344 13.45 25.21 25.29
C GLY B 344 13.27 25.18 23.79
N SER B 345 12.11 24.73 23.32
CA SER B 345 11.79 24.72 21.90
C SER B 345 11.10 25.97 21.39
N LYS B 346 10.58 26.84 22.27
CA LYS B 346 9.99 28.07 21.74
C LYS B 346 10.99 28.96 21.04
N PHE B 347 10.45 29.71 20.08
CA PHE B 347 11.28 30.41 19.14
C PHE B 347 12.27 31.35 19.80
N TRP B 348 11.87 31.98 20.91
CA TRP B 348 12.71 32.97 21.61
C TRP B 348 13.57 32.50 22.80
N GLU B 349 13.53 31.22 23.19
CA GLU B 349 14.27 30.80 24.40
C GLU B 349 15.63 30.25 24.07
N GLN B 350 16.52 30.19 25.05
CA GLN B 350 17.78 29.51 24.83
C GLN B 350 17.44 28.04 24.90
N SER B 351 18.06 27.24 24.08
CA SER B 351 17.90 25.81 24.17
C SER B 351 18.27 25.28 25.55
N VAL B 352 19.48 25.60 26.00
CA VAL B 352 20.01 25.11 27.26
C VAL B 352 20.29 26.23 28.22
N ARG B 353 19.84 26.06 29.46
CA ARG B 353 20.03 27.03 30.54
C ARG B 353 20.61 26.28 31.72
N LEU B 354 21.94 26.15 31.74
CA LEU B 354 22.58 25.26 32.70
C LEU B 354 22.27 25.69 34.13
N GLY B 355 21.68 24.80 34.91
CA GLY B 355 21.36 25.10 36.31
C GLY B 355 19.97 25.71 36.50
N SER B 356 19.14 25.77 35.45
CA SER B 356 17.83 26.42 35.58
C SER B 356 16.89 25.72 36.55
N TRP B 357 16.59 26.37 37.66
CA TRP B 357 15.59 25.83 38.59
C TRP B 357 14.17 26.01 37.96
N ASP B 358 13.96 27.09 37.23
CA ASP B 358 12.66 27.31 36.65
C ASP B 358 12.18 26.11 35.86
N ARG B 359 13.08 25.59 35.05
CA ARG B 359 12.80 24.47 34.17
C ARG B 359 12.60 23.16 34.91
N GLY B 360 13.31 22.97 36.03
CA GLY B 360 13.01 21.89 36.95
C GLY B 360 11.54 21.95 37.41
N MET B 361 11.10 23.12 37.84
CA MET B 361 9.76 23.24 38.33
C MET B 361 8.78 23.02 37.21
N GLN B 362 9.16 23.36 35.99
CA GLN B 362 8.24 23.17 34.87
C GLN B 362 8.01 21.68 34.67
N TYR B 363 9.07 20.87 34.80
CA TYR B 363 8.90 19.43 34.69
C TYR B 363 7.99 18.86 35.76
N SER B 364 8.30 19.13 37.02
CA SER B 364 7.56 18.49 38.10
C SER B 364 6.12 18.98 38.14
N HIS B 365 5.93 20.27 37.85
CA HIS B 365 4.58 20.84 37.80
C HIS B 365 3.80 20.08 36.77
N SER B 366 4.40 19.85 35.63
CA SER B 366 3.69 19.21 34.57
C SER B 366 3.46 17.64 34.73
N ILE B 367 4.36 16.93 35.35
CA ILE B 367 4.19 15.56 35.77
C ILE B 367 3.14 15.35 36.84
N ILE B 368 2.96 16.27 37.74
CA ILE B 368 1.90 16.16 38.70
C ILE B 368 0.57 16.36 38.02
N THR B 369 0.51 17.25 37.08
CA THR B 369 -0.70 17.43 36.35
C THR B 369 -1.05 16.18 35.62
N SER B 370 -0.08 15.53 35.08
CA SER B 370 -0.26 14.32 34.38
C SER B 370 -0.93 13.31 35.24
N LEU B 371 -0.49 13.19 36.46
CA LEU B 371 -0.99 12.17 37.32
C LEU B 371 -2.31 12.52 37.91
N LEU B 372 -2.63 13.78 37.91
CA LEU B 372 -3.92 14.23 38.39
C LEU B 372 -4.97 14.07 37.29
N TYR B 373 -4.50 13.74 36.09
CA TYR B 373 -5.38 13.59 34.97
C TYR B 373 -5.09 12.31 34.26
N HIS B 374 -4.86 11.25 35.01
CA HIS B 374 -4.97 9.89 34.50
C HIS B 374 -3.73 9.39 33.76
N VAL B 375 -2.73 10.23 33.56
CA VAL B 375 -1.57 9.73 32.84
C VAL B 375 -0.83 8.61 33.61
N VAL B 376 -0.39 7.58 32.89
CA VAL B 376 0.18 6.39 33.55
C VAL B 376 1.69 6.30 33.49
N GLY B 377 2.33 7.12 32.67
CA GLY B 377 3.78 7.05 32.56
C GLY B 377 4.29 8.35 32.02
N TRP B 378 5.58 8.57 32.12
CA TRP B 378 6.07 9.83 31.59
C TRP B 378 7.44 9.59 30.99
N THR B 379 7.61 9.91 29.72
CA THR B 379 8.92 9.70 29.10
C THR B 379 9.55 11.02 28.69
N ASP B 380 10.78 11.24 29.09
CA ASP B 380 11.54 12.36 28.65
C ASP B 380 12.01 12.19 27.22
N TRP B 381 12.54 13.24 26.66
CA TRP B 381 13.13 13.25 25.36
C TRP B 381 14.57 12.83 25.59
N ASN B 382 15.50 13.28 24.81
CA ASN B 382 16.92 12.98 24.92
C ASN B 382 17.48 12.81 26.29
N LEU B 383 18.15 11.72 26.52
CA LEU B 383 18.68 11.43 27.79
C LEU B 383 19.86 12.31 28.10
N ALA B 384 20.58 12.70 27.08
CA ALA B 384 21.67 13.62 27.20
C ALA B 384 21.85 14.44 25.95
N LEU B 385 22.29 15.66 26.10
CA LEU B 385 22.67 16.52 25.00
C LEU B 385 23.97 17.25 25.31
N ASN B 386 24.50 17.98 24.31
CA ASN B 386 25.71 18.77 24.50
C ASN B 386 25.37 20.16 24.95
N PRO B 387 26.36 21.00 25.27
CA PRO B 387 25.95 22.32 25.86
C PRO B 387 25.15 23.23 24.90
N GLU B 388 25.17 22.94 23.61
CA GLU B 388 24.29 23.59 22.65
C GLU B 388 22.83 23.05 22.68
N GLY B 389 22.62 21.87 23.28
CA GLY B 389 21.32 21.20 23.20
C GLY B 389 21.20 20.30 21.96
N GLY B 390 22.34 19.70 21.59
CA GLY B 390 22.50 18.97 20.34
C GLY B 390 23.34 17.71 20.52
N PRO B 391 23.76 17.07 19.42
CA PRO B 391 23.60 17.54 18.04
C PRO B 391 22.19 17.40 17.48
N ASN B 392 21.85 18.21 16.48
CA ASN B 392 20.56 18.17 15.83
C ASN B 392 20.75 18.64 14.38
N TRP B 393 20.38 17.80 13.42
CA TRP B 393 20.75 18.08 12.05
C TRP B 393 20.01 19.26 11.41
N VAL B 394 18.94 19.76 12.02
CA VAL B 394 18.35 21.04 11.58
C VAL B 394 18.48 22.13 12.69
N ARG B 395 19.43 21.89 13.59
CA ARG B 395 19.75 22.88 14.60
C ARG B 395 18.51 23.13 15.48
N ASN B 396 17.66 22.12 15.62
CA ASN B 396 16.47 22.22 16.49
C ASN B 396 16.75 21.90 17.98
N PHE B 397 17.63 22.69 18.57
CA PHE B 397 18.18 22.37 19.88
C PHE B 397 17.20 22.53 21.01
N VAL B 398 17.30 21.64 21.99
CA VAL B 398 16.45 21.80 23.19
C VAL B 398 17.26 21.46 24.41
N ASP B 399 16.68 21.65 25.60
CA ASP B 399 17.37 21.31 26.84
C ASP B 399 17.32 19.79 27.09
N SER B 400 18.16 19.29 28.00
CA SER B 400 18.11 17.90 28.46
C SER B 400 18.55 17.83 29.96
N PRO B 401 18.03 16.84 30.73
CA PRO B 401 18.42 16.67 32.12
C PRO B 401 19.94 16.45 32.30
N ILE B 402 20.60 15.79 31.35
CA ILE B 402 22.02 15.66 31.49
C ILE B 402 22.74 16.29 30.34
N ILE B 403 23.68 17.18 30.64
CA ILE B 403 24.42 17.90 29.59
C ILE B 403 25.88 17.47 29.54
N VAL B 404 26.37 17.04 28.39
CA VAL B 404 27.68 16.39 28.34
C VAL B 404 28.67 17.34 27.75
N ASP B 405 29.81 17.58 28.40
CA ASP B 405 30.90 18.37 27.81
C ASP B 405 32.10 17.48 27.52
N ILE B 406 32.16 17.11 26.27
CA ILE B 406 33.11 16.17 25.76
C ILE B 406 34.56 16.65 25.99
N THR B 407 34.82 17.95 25.81
CA THR B 407 36.20 18.38 25.93
C THR B 407 36.72 18.21 27.34
N LYS B 408 35.82 17.99 28.28
CA LYS B 408 36.20 17.94 29.67
C LYS B 408 35.91 16.60 30.28
N ASP B 409 35.57 15.64 29.44
CA ASP B 409 35.12 14.36 29.96
C ASP B 409 34.20 14.51 31.20
N THR B 410 33.27 15.47 31.14
CA THR B 410 32.43 15.83 32.26
C THR B 410 30.94 15.80 31.82
N PHE B 411 30.02 15.39 32.70
CA PHE B 411 28.58 15.70 32.46
C PHE B 411 27.91 16.48 33.60
N TYR B 412 26.91 17.28 33.28
CA TYR B 412 26.17 18.02 34.28
C TYR B 412 24.69 17.55 34.45
N LYS B 413 24.33 17.05 35.63
CA LYS B 413 22.96 16.77 35.96
C LYS B 413 22.33 18.07 36.40
N GLN B 414 21.25 18.46 35.70
CA GLN B 414 20.47 19.67 35.95
C GLN B 414 19.26 19.49 36.89
N PRO B 415 18.74 20.60 37.44
CA PRO B 415 17.51 20.49 38.20
C PRO B 415 16.45 19.56 37.59
N MET B 416 16.23 19.64 36.29
CA MET B 416 15.34 18.68 35.64
C MET B 416 15.60 17.22 36.02
N PHE B 417 16.87 16.83 36.04
CA PHE B 417 17.21 15.46 36.41
C PHE B 417 16.55 15.05 37.73
N TYR B 418 16.75 15.86 38.77
CA TYR B 418 16.25 15.64 40.12
C TYR B 418 14.72 15.84 40.27
N HIS B 419 14.18 16.81 39.53
CA HIS B 419 12.73 16.95 39.47
C HIS B 419 12.10 15.72 38.86
N LEU B 420 12.70 15.14 37.84
CA LEU B 420 12.17 13.89 37.33
C LEU B 420 12.34 12.82 38.38
N GLY B 421 13.49 12.85 39.04
CA GLY B 421 13.91 11.76 39.89
C GLY B 421 13.01 11.60 41.10
N HIS B 422 12.50 12.73 41.58
CA HIS B 422 11.57 12.76 42.68
C HIS B 422 10.34 11.93 42.37
N PHE B 423 10.09 11.67 41.09
CA PHE B 423 9.01 10.80 40.71
C PHE B 423 9.54 9.41 40.43
N SER B 424 10.48 9.30 39.48
CA SER B 424 10.91 8.00 38.95
C SER B 424 11.57 7.10 39.98
N LYS B 425 12.33 7.67 40.91
CA LYS B 425 12.96 6.88 41.94
C LYS B 425 11.93 6.28 42.93
N PHE B 426 10.76 6.91 43.08
CA PHE B 426 9.87 6.51 44.21
C PHE B 426 8.45 5.99 43.86
N ILE B 427 8.19 5.79 42.57
CA ILE B 427 6.88 5.39 42.10
C ILE B 427 7.16 4.24 41.15
N PRO B 428 7.42 3.07 41.71
CA PRO B 428 7.67 1.91 40.82
C PRO B 428 6.45 1.53 39.99
N GLU B 429 6.69 0.79 38.92
CA GLU B 429 5.64 0.27 38.06
C GLU B 429 4.70 -0.45 38.99
N GLY B 430 3.41 -0.19 38.86
CA GLY B 430 2.42 -0.84 39.67
C GLY B 430 1.75 0.08 40.68
N SER B 431 2.35 1.24 40.92
CA SER B 431 1.85 2.09 41.96
C SER B 431 0.53 2.64 41.50
N GLN B 432 -0.36 2.95 42.44
CA GLN B 432 -1.65 3.45 42.09
C GLN B 432 -1.87 4.83 42.71
N ARG B 433 -2.23 5.80 41.88
CA ARG B 433 -2.53 7.12 42.40
C ARG B 433 -3.82 7.06 43.21
N VAL B 434 -3.83 7.74 44.34
CA VAL B 434 -5.03 7.76 45.18
C VAL B 434 -5.33 9.18 45.56
N GLY B 435 -6.42 9.39 46.27
CA GLY B 435 -6.87 10.74 46.49
C GLY B 435 -6.06 11.50 47.50
N LEU B 436 -6.21 12.80 47.46
CA LEU B 436 -5.47 13.62 48.41
C LEU B 436 -6.20 14.91 48.30
N VAL B 437 -6.84 15.34 49.37
CA VAL B 437 -7.59 16.59 49.35
C VAL B 437 -6.94 17.58 50.31
N ALA B 438 -7.01 18.85 49.92
CA ALA B 438 -6.44 19.96 50.67
C ALA B 438 -7.54 20.63 51.53
N SER B 439 -7.17 21.21 52.66
CA SER B 439 -8.18 21.78 53.52
C SER B 439 -8.39 23.25 53.26
N GLN B 440 -7.74 23.82 52.26
CA GLN B 440 -7.92 25.24 51.99
C GLN B 440 -7.12 25.57 50.74
N LYS B 441 -7.47 26.64 50.02
CA LYS B 441 -6.69 27.03 48.83
C LYS B 441 -5.21 27.15 49.17
N ASN B 442 -4.34 26.75 48.26
CA ASN B 442 -2.91 26.86 48.57
C ASN B 442 -2.04 26.84 47.32
N ASP B 443 -0.76 27.18 47.44
CA ASP B 443 0.05 27.22 46.24
C ASP B 443 0.83 25.96 45.89
N LEU B 444 0.57 24.87 46.57
CA LEU B 444 1.39 23.69 46.39
C LEU B 444 0.89 22.85 45.24
N ASP B 445 1.75 22.03 44.67
CA ASP B 445 1.32 20.96 43.78
C ASP B 445 1.65 19.64 44.46
N ALA B 446 0.63 18.80 44.63
CA ALA B 446 0.85 17.54 45.30
C ALA B 446 0.14 16.38 44.63
N VAL B 447 0.77 15.22 44.71
CA VAL B 447 0.15 14.01 44.27
C VAL B 447 0.48 12.89 45.24
N ALA B 448 -0.45 11.95 45.39
CA ALA B 448 -0.28 10.81 46.24
C ALA B 448 -0.51 9.51 45.50
N LEU B 449 0.38 8.55 45.74
CA LEU B 449 0.22 7.23 45.12
C LEU B 449 0.48 6.21 46.19
N MET B 450 0.03 4.99 45.97
CA MET B 450 0.30 3.90 46.87
C MET B 450 1.12 2.81 46.17
N HIS B 451 2.14 2.28 46.82
CA HIS B 451 3.03 1.37 46.16
C HIS B 451 2.34 0.05 46.01
N PRO B 452 2.88 -0.86 45.18
CA PRO B 452 2.30 -2.22 45.16
C PRO B 452 2.26 -2.87 46.52
N ASP B 453 3.24 -2.63 47.37
CA ASP B 453 3.22 -3.29 48.66
C ASP B 453 2.29 -2.65 49.72
N GLY B 454 1.57 -1.57 49.36
CA GLY B 454 0.70 -0.91 50.33
C GLY B 454 1.18 0.41 50.92
N SER B 455 2.48 0.67 50.84
CA SER B 455 3.02 1.89 51.45
C SER B 455 2.80 3.14 50.59
N ALA B 456 3.03 4.32 51.16
CA ALA B 456 2.62 5.57 50.51
C ALA B 456 3.78 6.42 50.03
N VAL B 457 3.48 7.23 49.02
CA VAL B 457 4.39 8.18 48.48
C VAL B 457 3.61 9.43 48.15
N VAL B 458 4.16 10.57 48.58
CA VAL B 458 3.55 11.85 48.21
C VAL B 458 4.62 12.77 47.66
N VAL B 459 4.36 13.39 46.53
CA VAL B 459 5.28 14.38 46.05
C VAL B 459 4.69 15.75 46.28
N VAL B 460 5.51 16.67 46.77
CA VAL B 460 5.07 18.03 47.03
C VAL B 460 6.01 19.07 46.42
N LEU B 461 5.44 19.95 45.58
CA LEU B 461 6.17 20.99 44.90
C LEU B 461 5.66 22.32 45.30
N ASN B 462 6.56 23.22 45.61
CA ASN B 462 6.17 24.56 45.99
C ASN B 462 6.68 25.54 44.95
N ARG B 463 5.78 26.14 44.19
CA ARG B 463 6.25 27.07 43.16
C ARG B 463 6.22 28.51 43.63
N SER B 464 5.75 28.72 44.87
CA SER B 464 5.84 30.03 45.53
C SER B 464 7.21 30.27 46.22
N SER B 465 7.53 31.54 46.42
CA SER B 465 8.73 31.95 47.15
C SER B 465 8.60 31.71 48.67
N LYS B 466 7.35 31.62 49.12
CA LYS B 466 7.02 31.50 50.55
C LYS B 466 7.14 30.07 51.11
N ASP B 467 7.69 29.95 52.32
CA ASP B 467 7.70 28.65 53.04
C ASP B 467 6.28 28.27 53.45
N VAL B 468 5.83 27.06 53.12
CA VAL B 468 4.48 26.66 53.49
C VAL B 468 4.45 25.55 54.55
N PRO B 469 3.99 25.87 55.78
CA PRO B 469 3.89 24.77 56.75
C PRO B 469 2.73 23.92 56.33
N LEU B 470 2.88 22.60 56.45
CA LEU B 470 1.74 21.72 56.16
C LEU B 470 1.84 20.41 56.92
N THR B 471 0.70 19.72 57.01
CA THR B 471 0.55 18.45 57.64
C THR B 471 -0.17 17.50 56.68
N ILE B 472 0.32 16.28 56.60
CA ILE B 472 -0.33 15.30 55.79
C ILE B 472 -0.97 14.32 56.75
N LYS B 473 -2.28 14.16 56.61
CA LYS B 473 -2.99 13.19 57.39
C LYS B 473 -3.16 11.93 56.59
N ASP B 474 -2.73 10.80 57.15
CA ASP B 474 -3.08 9.45 56.70
C ASP B 474 -3.80 8.77 57.83
N PRO B 475 -5.11 8.42 57.65
CA PRO B 475 -5.83 7.93 58.84
C PRO B 475 -5.33 6.55 59.28
N ALA B 476 -4.59 5.85 58.45
CA ALA B 476 -4.08 4.58 58.89
C ALA B 476 -3.05 4.81 59.99
N VAL B 477 -2.23 5.86 59.88
CA VAL B 477 -1.05 6.01 60.73
C VAL B 477 -0.94 7.29 61.54
N GLY B 478 -1.46 8.41 61.06
CA GLY B 478 -1.41 9.66 61.81
C GLY B 478 -1.10 10.90 60.98
N PHE B 479 -0.17 11.73 61.46
CA PHE B 479 0.07 13.02 60.85
C PHE B 479 1.55 13.22 60.61
N LEU B 480 1.89 13.69 59.40
CA LEU B 480 3.23 14.18 59.12
C LEU B 480 3.25 15.69 59.23
N GLU B 481 4.06 16.20 60.15
CA GLU B 481 4.17 17.63 60.30
C GLU B 481 5.44 18.07 59.61
N THR B 482 5.34 19.02 58.71
CA THR B 482 6.51 19.36 57.93
C THR B 482 6.39 20.78 57.42
N ILE B 483 7.41 21.22 56.69
CA ILE B 483 7.40 22.49 56.02
C ILE B 483 7.84 22.27 54.56
N SER B 484 7.12 22.91 53.62
CA SER B 484 7.56 22.99 52.23
C SER B 484 8.23 24.33 51.99
N PRO B 485 9.57 24.30 51.80
CA PRO B 485 10.27 25.57 51.50
C PRO B 485 9.92 26.21 50.15
N GLY B 486 9.96 27.53 50.08
CA GLY B 486 9.68 28.17 48.80
C GLY B 486 10.57 27.52 47.75
N TYR B 487 10.00 27.24 46.56
CA TYR B 487 10.79 26.72 45.42
C TYR B 487 11.52 25.50 45.97
N SER B 488 10.74 24.46 46.21
CA SER B 488 11.30 23.21 46.68
C SER B 488 10.44 22.07 46.22
N ILE B 489 11.07 20.91 46.17
CA ILE B 489 10.36 19.69 45.89
C ILE B 489 10.79 18.65 46.92
N HIS B 490 9.78 17.96 47.46
CA HIS B 490 9.95 16.97 48.47
C HIS B 490 9.24 15.73 47.99
N THR B 491 9.82 14.55 48.21
CA THR B 491 9.03 13.33 48.19
C THR B 491 9.00 12.77 49.61
N TYR B 492 7.84 12.28 50.01
CA TYR B 492 7.57 11.66 51.29
C TYR B 492 7.17 10.24 51.15
N LEU B 493 7.76 9.36 51.92
CA LEU B 493 7.49 7.93 51.91
C LEU B 493 7.20 7.40 53.27
N TRP B 494 6.20 6.57 53.44
CA TRP B 494 5.94 5.90 54.70
C TRP B 494 5.18 4.61 54.60
N ARG B 495 5.43 3.69 55.52
CA ARG B 495 4.71 2.45 55.67
C ARG B 495 3.32 2.64 56.26
N ARG B 496 2.40 1.77 55.90
CA ARG B 496 1.07 1.90 56.42
C ARG B 496 0.70 0.75 57.36
N GLN B 497 1.50 -0.29 57.36
CA GLN B 497 1.46 -1.34 58.37
C GLN B 497 2.86 -1.90 58.57
#